data_7DFM
#
_entry.id   7DFM
#
_cell.length_a   135.039
_cell.length_b   135.039
_cell.length_c   72.343
_cell.angle_alpha   90.000
_cell.angle_beta   90.000
_cell.angle_gamma   120.000
#
_symmetry.space_group_name_H-M   'P 32 2 1'
#
loop_
_entity.id
_entity.type
_entity.pdbx_description
1 polymer Endo-1,4-beta-xylanase
2 non-polymer 'CHLORIDE ION'
3 water water
#
_entity_poly.entity_id   1
_entity_poly.type   'polypeptide(L)'
_entity_poly.pdbx_seq_one_letter_code
;MATVITTNQTGTNNGFYYSFWTDGGGSVSMTLNSGGNYSTSWTNCGNFVAGKGWSNGGRRNVQYSGSFYPSGNGYLALYG
WTSNPLVEYYIVDNWGNYRPTGTYKGTVTSDGGTYDVYQTTRYNAPSVEGTKTFNQYWSVRQSKRTGGTITTGNHFDAWA
RYGMQLGSFSYYMILATEGYQSSGSSNLTVSGKLAAALEHHHHHH
;
_entity_poly.pdbx_strand_id   A,B,C,D
#
loop_
_chem_comp.id
_chem_comp.type
_chem_comp.name
_chem_comp.formula
CL non-polymer 'CHLORIDE ION' 'Cl -1'
#
# COMPACT_ATOMS: atom_id res chain seq x y z
N ALA A 2 23.89 -23.18 5.68
CA ALA A 2 22.62 -23.81 5.34
C ALA A 2 22.66 -25.23 5.91
N THR A 3 21.53 -25.67 6.44
CA THR A 3 21.25 -27.05 6.93
C THR A 3 20.02 -27.57 6.19
N VAL A 4 20.18 -28.65 5.41
CA VAL A 4 19.06 -29.36 4.74
C VAL A 4 18.48 -30.39 5.70
N ILE A 5 17.15 -30.35 5.81
CA ILE A 5 16.26 -31.15 6.71
C ILE A 5 15.38 -32.01 5.82
N THR A 6 15.36 -33.32 6.02
CA THR A 6 14.50 -34.24 5.24
C THR A 6 13.82 -35.22 6.18
N THR A 7 13.86 -35.05 7.49
CA THR A 7 13.40 -36.10 8.44
C THR A 7 12.62 -35.42 9.55
N ASN A 8 11.56 -36.05 10.02
CA ASN A 8 10.73 -35.45 11.08
C ASN A 8 11.69 -35.04 12.20
N GLN A 9 11.78 -33.75 12.48
CA GLN A 9 12.46 -33.27 13.69
C GLN A 9 11.89 -31.90 14.04
N THR A 10 12.22 -31.44 15.25
CA THR A 10 12.12 -30.04 15.70
C THR A 10 13.53 -29.68 16.12
N GLY A 11 13.84 -28.40 16.31
CA GLY A 11 15.21 -27.90 16.54
C GLY A 11 15.21 -26.40 16.70
N THR A 12 16.42 -25.84 16.84
CA THR A 12 16.73 -24.40 16.75
C THR A 12 17.78 -24.22 15.66
N ASN A 13 17.75 -23.03 15.08
CA ASN A 13 18.53 -22.63 13.90
C ASN A 13 18.55 -21.10 13.92
N ASN A 14 19.74 -20.54 14.17
CA ASN A 14 20.04 -19.09 14.00
C ASN A 14 18.99 -18.25 14.73
N GLY A 15 18.66 -18.65 15.95
CA GLY A 15 17.73 -17.95 16.88
C GLY A 15 16.29 -18.45 16.81
N PHE A 16 15.91 -19.26 15.82
CA PHE A 16 14.49 -19.62 15.55
C PHE A 16 14.26 -21.11 15.85
N TYR A 17 13.10 -21.40 16.42
CA TYR A 17 12.59 -22.77 16.52
C TYR A 17 12.32 -23.20 15.10
N TYR A 18 12.50 -24.47 14.78
CA TYR A 18 11.94 -24.99 13.52
C TYR A 18 11.31 -26.35 13.76
N SER A 19 10.52 -26.73 12.77
CA SER A 19 9.70 -27.95 12.78
C SER A 19 9.53 -28.42 11.35
N PHE A 20 9.79 -29.72 11.15
CA PHE A 20 9.52 -30.44 9.89
C PHE A 20 8.82 -31.74 10.20
N TRP A 21 7.68 -31.95 9.55
CA TRP A 21 6.89 -33.19 9.56
C TRP A 21 6.50 -33.58 8.13
N THR A 22 6.66 -34.85 7.78
CA THR A 22 6.17 -35.49 6.54
C THR A 22 5.60 -36.89 6.84
N ASP A 23 4.63 -37.38 6.09
CA ASP A 23 4.10 -38.76 6.21
C ASP A 23 4.93 -39.72 5.33
N GLY A 24 5.98 -39.23 4.65
CA GLY A 24 6.92 -40.07 3.87
C GLY A 24 6.78 -39.98 2.36
N GLY A 25 5.65 -39.47 1.85
CA GLY A 25 5.30 -39.42 0.42
C GLY A 25 6.32 -38.64 -0.42
N GLY A 26 6.60 -39.10 -1.65
CA GLY A 26 7.32 -38.31 -2.68
C GLY A 26 8.66 -37.84 -2.16
N SER A 27 9.07 -36.62 -2.53
CA SER A 27 10.33 -35.96 -2.11
C SER A 27 10.03 -34.56 -1.54
N VAL A 28 10.48 -34.34 -0.31
CA VAL A 28 10.20 -33.12 0.48
C VAL A 28 11.47 -32.76 1.21
N SER A 29 11.88 -31.50 1.08
CA SER A 29 13.04 -30.97 1.83
C SER A 29 12.74 -29.56 2.34
N MET A 30 13.43 -29.20 3.42
CA MET A 30 13.47 -27.84 3.96
C MET A 30 14.94 -27.44 4.09
N THR A 31 15.27 -26.22 3.71
CA THR A 31 16.63 -25.68 3.86
C THR A 31 16.52 -24.54 4.86
N LEU A 32 17.27 -24.63 5.96
CA LEU A 32 17.32 -23.56 7.00
C LEU A 32 18.52 -22.65 6.68
N ASN A 33 18.30 -21.36 6.38
CA ASN A 33 19.37 -20.34 6.14
C ASN A 33 19.43 -19.36 7.33
N SER A 34 20.09 -18.23 7.13
CA SER A 34 20.34 -17.17 8.15
C SER A 34 19.04 -16.66 8.79
N GLY A 35 19.14 -16.21 10.04
CA GLY A 35 18.02 -15.55 10.72
C GLY A 35 16.73 -16.31 10.49
N GLY A 36 15.68 -15.61 10.06
CA GLY A 36 14.30 -16.13 10.00
C GLY A 36 14.03 -16.94 8.74
N ASN A 37 15.04 -17.13 7.86
CA ASN A 37 14.84 -17.64 6.48
C ASN A 37 14.82 -19.17 6.49
N TYR A 38 13.93 -19.74 5.67
CA TYR A 38 13.85 -21.16 5.31
C TYR A 38 13.25 -21.25 3.91
N SER A 39 13.68 -22.24 3.16
CA SER A 39 13.09 -22.63 1.87
C SER A 39 12.56 -24.07 1.98
N THR A 40 11.56 -24.39 1.18
CA THR A 40 11.10 -25.79 1.03
C THR A 40 10.99 -26.03 -0.47
N SER A 41 11.14 -27.31 -0.84
CA SER A 41 10.94 -27.86 -2.20
C SER A 41 10.19 -29.17 -2.00
N TRP A 42 9.12 -29.42 -2.75
CA TRP A 42 8.43 -30.72 -2.62
C TRP A 42 8.00 -31.17 -4.01
N THR A 43 8.06 -32.48 -4.26
CA THR A 43 7.60 -33.18 -5.51
C THR A 43 6.70 -34.37 -5.17
N ASN A 44 5.44 -34.28 -5.59
CA ASN A 44 4.40 -35.32 -5.42
C ASN A 44 4.43 -35.81 -3.95
N CYS A 45 4.20 -34.90 -3.00
CA CYS A 45 4.19 -35.23 -1.56
C CYS A 45 2.93 -36.05 -1.23
N GLY A 46 2.94 -36.72 -0.09
CA GLY A 46 1.68 -37.09 0.57
C GLY A 46 1.19 -35.87 1.35
N ASN A 47 1.78 -35.64 2.51
CA ASN A 47 1.40 -34.56 3.43
C ASN A 47 2.66 -34.19 4.21
N PHE A 48 2.94 -32.89 4.28
CA PHE A 48 4.08 -32.31 5.04
C PHE A 48 3.69 -30.92 5.57
N VAL A 49 4.29 -30.56 6.71
CA VAL A 49 4.30 -29.22 7.34
C VAL A 49 5.74 -28.91 7.80
N ALA A 50 6.26 -27.77 7.40
CA ALA A 50 7.58 -27.31 7.83
C ALA A 50 7.61 -25.79 7.92
N GLY A 51 8.32 -25.28 8.90
CA GLY A 51 8.55 -23.84 9.05
C GLY A 51 9.47 -23.48 10.21
N LYS A 52 9.79 -22.18 10.27
CA LYS A 52 10.48 -21.49 11.36
C LYS A 52 9.47 -20.66 12.17
N GLY A 53 9.70 -20.59 13.46
CA GLY A 53 9.09 -19.58 14.35
C GLY A 53 9.66 -19.67 15.76
N TRP A 54 8.81 -20.09 16.70
CA TRP A 54 8.98 -19.94 18.17
C TRP A 54 8.63 -21.27 18.79
N SER A 55 9.39 -21.68 19.82
CA SER A 55 9.14 -22.88 20.64
C SER A 55 7.76 -22.78 21.31
N ASN A 56 7.22 -21.59 21.45
CA ASN A 56 5.95 -21.42 22.22
C ASN A 56 5.13 -20.38 21.47
N GLY A 57 3.84 -20.65 21.27
CA GLY A 57 2.88 -19.68 20.75
C GLY A 57 2.74 -18.54 21.71
N GLY A 58 1.93 -17.57 21.39
CA GLY A 58 1.69 -16.38 22.20
C GLY A 58 1.20 -15.27 21.29
N ARG A 59 0.83 -14.15 21.88
CA ARG A 59 0.22 -13.04 21.12
C ARG A 59 1.41 -12.24 20.62
N ARG A 60 1.91 -12.53 19.42
CA ARG A 60 2.92 -11.62 18.83
C ARG A 60 2.43 -11.12 17.47
N ASN A 61 3.12 -10.09 17.00
CA ASN A 61 2.99 -9.52 15.65
C ASN A 61 4.09 -10.16 14.82
N VAL A 62 3.70 -11.10 13.96
CA VAL A 62 4.60 -11.84 13.04
C VAL A 62 4.73 -11.02 11.77
N GLN A 63 5.98 -10.79 11.34
CA GLN A 63 6.35 -10.17 10.05
C GLN A 63 6.91 -11.30 9.21
N TYR A 64 6.53 -11.41 7.96
CA TYR A 64 7.16 -12.40 7.09
C TYR A 64 7.14 -11.86 5.67
N SER A 65 8.00 -12.41 4.83
CA SER A 65 8.07 -12.09 3.38
C SER A 65 8.60 -13.32 2.66
N GLY A 66 8.80 -13.23 1.34
CA GLY A 66 9.30 -14.31 0.50
C GLY A 66 8.35 -14.75 -0.58
N SER A 67 8.46 -16.01 -1.02
CA SER A 67 7.64 -16.57 -2.12
C SER A 67 7.04 -17.93 -1.70
N PHE A 68 5.93 -18.33 -2.33
CA PHE A 68 5.09 -19.51 -1.99
C PHE A 68 4.42 -19.89 -3.30
N TYR A 69 4.88 -20.97 -3.92
CA TYR A 69 4.44 -21.37 -5.27
C TYR A 69 4.03 -22.83 -5.19
N PRO A 70 2.76 -23.09 -4.83
CA PRO A 70 2.18 -24.43 -4.93
C PRO A 70 1.68 -24.75 -6.35
N SER A 71 1.88 -26.00 -6.78
CA SER A 71 1.20 -26.65 -7.92
C SER A 71 0.25 -27.68 -7.35
N GLY A 72 -1.00 -27.29 -7.18
CA GLY A 72 -2.02 -28.07 -6.48
C GLY A 72 -2.08 -27.60 -5.05
N ASN A 73 -2.34 -28.49 -4.11
CA ASN A 73 -2.80 -28.12 -2.76
C ASN A 73 -1.58 -27.84 -1.87
N GLY A 74 -1.47 -26.60 -1.43
CA GLY A 74 -0.52 -26.15 -0.41
C GLY A 74 -1.12 -25.01 0.41
N TYR A 75 -0.62 -24.82 1.63
CA TYR A 75 -1.01 -23.72 2.53
C TYR A 75 0.24 -22.94 2.95
N LEU A 76 0.02 -21.63 3.09
CA LEU A 76 0.94 -20.74 3.84
C LEU A 76 0.14 -20.25 5.03
N ALA A 77 0.66 -20.47 6.24
CA ALA A 77 -0.07 -20.29 7.50
C ALA A 77 0.89 -20.07 8.67
N LEU A 78 0.53 -19.13 9.53
CA LEU A 78 1.01 -19.11 10.93
C LEU A 78 0.30 -20.28 11.60
N TYR A 79 1.06 -21.16 12.25
CA TYR A 79 0.59 -22.53 12.58
C TYR A 79 1.15 -22.91 13.94
N GLY A 80 0.33 -23.54 14.77
CA GLY A 80 0.87 -24.15 16.00
C GLY A 80 -0.12 -25.02 16.70
N TRP A 81 0.23 -25.36 17.95
CA TRP A 81 -0.65 -26.17 18.83
C TRP A 81 -0.73 -25.60 20.25
N THR A 82 -1.83 -26.00 20.90
CA THR A 82 -2.10 -25.77 22.35
C THR A 82 -2.37 -27.11 23.01
N SER A 83 -2.30 -27.15 24.34
CA SER A 83 -2.65 -28.33 25.19
C SER A 83 -3.72 -27.92 26.16
N ASN A 84 -4.52 -28.88 26.63
CA ASN A 84 -5.53 -28.64 27.71
C ASN A 84 -6.28 -27.34 27.41
N PRO A 85 -7.06 -27.32 26.28
CA PRO A 85 -7.15 -28.46 25.35
C PRO A 85 -6.22 -28.47 24.14
N LEU A 86 -6.06 -29.68 23.59
CA LEU A 86 -5.28 -29.93 22.37
C LEU A 86 -6.02 -29.30 21.17
N VAL A 87 -5.38 -28.30 20.55
CA VAL A 87 -5.85 -27.59 19.33
C VAL A 87 -4.65 -27.39 18.40
N GLU A 88 -4.88 -27.67 17.11
CA GLU A 88 -4.02 -27.28 15.95
C GLU A 88 -4.65 -26.05 15.30
N TYR A 89 -3.93 -24.94 15.13
CA TYR A 89 -4.53 -23.66 14.71
C TYR A 89 -3.77 -23.18 13.50
N TYR A 90 -4.50 -22.49 12.63
CA TYR A 90 -4.03 -22.00 11.32
C TYR A 90 -4.54 -20.59 11.08
N ILE A 91 -3.61 -19.71 10.75
CA ILE A 91 -3.93 -18.39 10.13
C ILE A 91 -3.38 -18.42 8.71
N VAL A 92 -4.25 -18.64 7.74
CA VAL A 92 -3.86 -18.98 6.35
C VAL A 92 -3.88 -17.69 5.52
N ASP A 93 -2.74 -17.31 4.97
CA ASP A 93 -2.63 -16.11 4.08
C ASP A 93 -2.65 -16.52 2.58
N ASN A 94 -2.36 -17.79 2.23
CA ASN A 94 -2.21 -18.28 0.84
C ASN A 94 -2.53 -19.78 0.77
N TRP A 95 -2.98 -20.22 -0.39
CA TRP A 95 -3.31 -21.63 -0.68
C TRP A 95 -3.28 -21.85 -2.20
N GLY A 96 -3.49 -23.07 -2.69
CA GLY A 96 -3.41 -23.37 -4.14
C GLY A 96 -4.79 -23.55 -4.71
N ASN A 97 -5.12 -24.78 -5.07
CA ASN A 97 -6.41 -25.08 -5.70
C ASN A 97 -7.45 -25.36 -4.61
N TYR A 98 -7.05 -25.62 -3.35
CA TYR A 98 -7.98 -26.03 -2.28
C TYR A 98 -7.98 -24.99 -1.15
N ARG A 99 -9.13 -24.37 -0.98
CA ARG A 99 -9.36 -23.44 0.15
C ARG A 99 -9.88 -24.25 1.32
N PRO A 100 -9.19 -24.22 2.46
CA PRO A 100 -9.71 -24.77 3.71
C PRO A 100 -11.08 -24.20 4.11
N THR A 101 -11.87 -25.04 4.74
CA THR A 101 -13.32 -24.84 4.97
C THR A 101 -13.76 -25.77 6.11
N GLY A 102 -14.82 -25.37 6.79
CA GLY A 102 -15.48 -26.21 7.79
C GLY A 102 -16.79 -25.55 8.20
N THR A 103 -17.12 -25.66 9.48
CA THR A 103 -18.21 -24.89 10.13
C THR A 103 -17.74 -23.44 10.18
N TYR A 104 -18.41 -22.56 9.44
CA TYR A 104 -18.22 -21.08 9.40
C TYR A 104 -18.64 -20.43 10.73
N LYS A 105 -17.79 -19.55 11.26
CA LYS A 105 -18.07 -18.92 12.59
C LYS A 105 -18.24 -17.42 12.50
N GLY A 106 -17.98 -16.81 11.33
CA GLY A 106 -17.99 -15.35 11.15
C GLY A 106 -16.62 -14.91 10.67
N THR A 107 -16.35 -13.61 10.66
CA THR A 107 -15.10 -13.02 10.13
C THR A 107 -14.34 -12.28 11.24
N VAL A 108 -13.07 -12.00 10.96
CA VAL A 108 -12.17 -11.09 11.71
C VAL A 108 -11.36 -10.36 10.64
N THR A 109 -11.19 -9.05 10.80
CA THR A 109 -10.40 -8.17 9.93
C THR A 109 -9.05 -8.04 10.60
N SER A 110 -7.96 -8.36 9.88
CA SER A 110 -6.59 -8.20 10.42
C SER A 110 -5.61 -7.90 9.29
N ASP A 111 -4.68 -6.98 9.57
CA ASP A 111 -3.49 -6.78 8.73
C ASP A 111 -3.95 -6.60 7.28
N GLY A 112 -4.95 -5.75 7.08
CA GLY A 112 -5.30 -5.23 5.74
C GLY A 112 -6.24 -6.17 5.00
N GLY A 113 -6.66 -7.26 5.63
CA GLY A 113 -7.49 -8.30 5.00
C GLY A 113 -8.67 -8.70 5.85
N THR A 114 -9.60 -9.43 5.23
CA THR A 114 -10.76 -10.03 5.93
C THR A 114 -10.54 -11.55 5.99
N TYR A 115 -10.69 -12.14 7.17
CA TYR A 115 -10.38 -13.57 7.36
C TYR A 115 -11.70 -14.26 7.69
N ASP A 116 -11.99 -15.37 7.02
CA ASP A 116 -13.10 -16.27 7.39
C ASP A 116 -12.63 -17.21 8.48
N VAL A 117 -13.45 -17.39 9.51
CA VAL A 117 -13.12 -18.31 10.63
C VAL A 117 -13.90 -19.62 10.48
N TYR A 118 -13.18 -20.73 10.60
CA TYR A 118 -13.73 -22.11 10.50
C TYR A 118 -13.19 -22.95 11.64
N GLN A 119 -14.02 -23.93 12.02
CA GLN A 119 -13.71 -25.07 12.92
C GLN A 119 -14.03 -26.40 12.22
N THR A 120 -13.10 -27.34 12.36
CA THR A 120 -13.18 -28.75 11.92
C THR A 120 -12.62 -29.59 13.07
N THR A 121 -12.64 -30.90 12.91
CA THR A 121 -12.15 -31.92 13.86
C THR A 121 -11.36 -32.99 13.09
N ARG A 122 -10.23 -33.48 13.64
CA ARG A 122 -9.53 -34.70 13.15
C ARG A 122 -9.65 -35.82 14.20
N TYR A 123 -9.89 -37.06 13.78
CA TYR A 123 -9.98 -38.24 14.69
C TYR A 123 -8.74 -39.10 14.50
N ASN A 124 -8.04 -39.38 15.60
CA ASN A 124 -6.93 -40.37 15.69
C ASN A 124 -5.91 -40.00 14.59
N ALA A 125 -5.41 -38.77 14.65
CA ALA A 125 -4.52 -38.17 13.62
C ALA A 125 -3.14 -37.88 14.22
N PRO A 126 -2.07 -37.75 13.39
CA PRO A 126 -0.77 -37.31 13.90
C PRO A 126 -0.93 -35.97 14.63
N SER A 127 -0.19 -35.79 15.71
CA SER A 127 -0.21 -34.58 16.55
C SER A 127 1.15 -34.42 17.23
N VAL A 128 1.39 -33.26 17.83
CA VAL A 128 2.61 -33.02 18.69
C VAL A 128 2.58 -33.99 19.90
N GLU A 129 1.43 -34.56 20.29
CA GLU A 129 1.32 -35.53 21.44
C GLU A 129 0.97 -36.94 20.88
N GLY A 130 1.52 -37.31 19.71
CA GLY A 130 1.24 -38.60 19.02
C GLY A 130 -0.20 -38.68 18.54
N THR A 131 -0.68 -39.90 18.24
CA THR A 131 -1.99 -40.10 17.56
C THR A 131 -3.13 -39.58 18.43
N LYS A 132 -3.85 -38.56 17.99
CA LYS A 132 -4.82 -37.88 18.88
C LYS A 132 -6.09 -37.41 18.16
N THR A 133 -7.11 -37.09 18.96
CA THR A 133 -8.36 -36.47 18.48
C THR A 133 -8.36 -35.01 18.93
N PHE A 134 -8.55 -34.07 17.99
CA PHE A 134 -8.49 -32.63 18.31
C PHE A 134 -9.26 -31.80 17.28
N ASN A 135 -9.70 -30.63 17.74
CA ASN A 135 -10.30 -29.53 16.93
C ASN A 135 -9.18 -28.76 16.22
N GLN A 136 -9.51 -28.25 15.04
CA GLN A 136 -8.65 -27.30 14.29
C GLN A 136 -9.37 -25.98 14.23
N TYR A 137 -8.67 -24.90 14.56
CA TYR A 137 -9.15 -23.52 14.38
C TYR A 137 -8.47 -22.95 13.14
N TRP A 138 -9.26 -22.36 12.26
CA TRP A 138 -8.85 -21.72 10.98
C TRP A 138 -9.24 -20.23 10.96
N SER A 139 -8.28 -19.37 10.60
CA SER A 139 -8.52 -18.05 9.97
C SER A 139 -8.05 -18.13 8.53
N VAL A 140 -8.88 -17.90 7.53
CA VAL A 140 -8.43 -18.01 6.11
C VAL A 140 -8.68 -16.65 5.47
N ARG A 141 -7.62 -15.96 5.04
CA ARG A 141 -7.75 -14.65 4.36
C ARG A 141 -8.70 -14.83 3.17
N GLN A 142 -9.50 -13.82 2.86
CA GLN A 142 -10.39 -13.80 1.68
C GLN A 142 -9.60 -13.57 0.38
N SER A 143 -8.35 -13.17 0.47
CA SER A 143 -7.50 -13.07 -0.75
C SER A 143 -6.09 -13.55 -0.47
N LYS A 144 -5.49 -14.19 -1.47
CA LYS A 144 -4.14 -14.73 -1.36
C LYS A 144 -3.15 -13.56 -1.25
N ARG A 145 -2.12 -13.70 -0.42
CA ARG A 145 -0.87 -12.89 -0.45
C ARG A 145 0.24 -13.77 0.16
N THR A 146 1.48 -13.50 -0.21
CA THR A 146 2.69 -14.04 0.43
C THR A 146 3.40 -12.81 0.99
N GLY A 147 3.20 -12.47 2.27
CA GLY A 147 3.97 -11.43 2.95
C GLY A 147 3.13 -10.36 3.63
N GLY A 148 3.64 -9.85 4.75
CA GLY A 148 2.98 -8.86 5.62
C GLY A 148 3.09 -9.22 7.08
N THR A 149 2.20 -8.66 7.88
CA THR A 149 2.15 -8.83 9.34
C THR A 149 0.98 -9.77 9.56
N ILE A 150 1.13 -10.76 10.43
CA ILE A 150 -0.06 -11.42 11.00
C ILE A 150 -0.12 -11.01 12.49
N THR A 151 -1.19 -10.32 12.90
CA THR A 151 -1.42 -9.97 14.33
C THR A 151 -2.20 -11.09 15.00
N THR A 152 -1.50 -12.00 15.69
CA THR A 152 -2.10 -13.28 16.18
C THR A 152 -3.23 -12.96 17.16
N GLY A 153 -3.05 -11.95 18.00
CA GLY A 153 -4.04 -11.50 18.97
C GLY A 153 -5.41 -11.25 18.34
N ASN A 154 -5.48 -10.70 17.13
CA ASN A 154 -6.78 -10.45 16.46
C ASN A 154 -7.50 -11.80 16.19
N HIS A 155 -6.74 -12.83 15.78
CA HIS A 155 -7.27 -14.17 15.43
C HIS A 155 -7.68 -14.88 16.73
N PHE A 156 -6.81 -14.87 17.74
CA PHE A 156 -7.11 -15.50 19.05
C PHE A 156 -8.38 -14.86 19.65
N ASP A 157 -8.49 -13.52 19.57
CA ASP A 157 -9.60 -12.79 20.24
C ASP A 157 -10.92 -13.15 19.55
N ALA A 158 -10.89 -13.22 18.24
CA ALA A 158 -12.07 -13.49 17.41
C ALA A 158 -12.47 -14.95 17.55
N TRP A 159 -11.52 -15.90 17.56
CA TRP A 159 -11.85 -17.32 17.87
C TRP A 159 -12.57 -17.40 19.23
N ALA A 160 -11.99 -16.82 20.25
CA ALA A 160 -12.59 -16.71 21.61
C ALA A 160 -14.02 -16.18 21.55
N ARG A 161 -14.29 -15.09 20.81
CA ARG A 161 -15.65 -14.47 20.70
C ARG A 161 -16.59 -15.46 20.03
N TYR A 162 -16.06 -16.43 19.30
CA TYR A 162 -16.88 -17.36 18.50
C TYR A 162 -16.92 -18.74 19.15
N GLY A 163 -16.48 -18.91 20.41
CA GLY A 163 -16.61 -20.19 21.14
C GLY A 163 -15.42 -21.12 20.94
N MET A 164 -14.36 -20.61 20.36
CA MET A 164 -13.17 -21.42 20.08
C MET A 164 -12.09 -21.02 21.10
N GLN A 165 -11.97 -21.83 22.15
CA GLN A 165 -11.08 -21.54 23.29
C GLN A 165 -9.76 -22.24 22.96
N LEU A 166 -8.69 -21.48 23.00
CA LEU A 166 -7.31 -21.97 22.89
C LEU A 166 -6.87 -22.49 24.26
N GLY A 167 -6.04 -23.54 24.30
CA GLY A 167 -5.47 -24.05 25.57
C GLY A 167 -4.21 -23.27 25.83
N SER A 168 -3.23 -23.90 26.44
CA SER A 168 -1.92 -23.32 26.78
C SER A 168 -1.00 -23.34 25.56
N PHE A 169 -0.10 -22.35 25.49
CA PHE A 169 0.89 -22.22 24.40
C PHE A 169 2.14 -23.00 24.81
N SER A 170 2.00 -24.34 24.93
CA SER A 170 3.02 -25.33 25.36
C SER A 170 3.91 -25.74 24.19
N TYR A 171 3.40 -25.49 23.00
CA TYR A 171 3.96 -26.00 21.74
C TYR A 171 4.31 -24.83 20.84
N TYR A 172 4.97 -25.18 19.76
CA TYR A 172 5.59 -24.25 18.79
C TYR A 172 4.48 -23.44 18.10
N MET A 173 4.93 -22.32 17.51
CA MET A 173 4.12 -21.45 16.64
C MET A 173 5.07 -21.11 15.53
N ILE A 174 4.77 -21.54 14.28
CA ILE A 174 5.70 -21.36 13.14
C ILE A 174 4.99 -20.76 11.93
N LEU A 175 5.78 -20.11 11.08
CA LEU A 175 5.32 -19.70 9.75
C LEU A 175 5.55 -20.92 8.86
N ALA A 176 4.45 -21.59 8.52
CA ALA A 176 4.48 -22.92 7.90
C ALA A 176 4.19 -22.87 6.39
N THR A 177 4.93 -23.72 5.67
CA THR A 177 4.62 -24.29 4.34
C THR A 177 3.99 -25.70 4.56
N GLU A 178 2.83 -25.97 3.98
CA GLU A 178 2.11 -27.28 4.08
C GLU A 178 1.74 -27.73 2.67
N GLY A 179 1.79 -29.03 2.43
CA GLY A 179 1.48 -29.62 1.13
C GLY A 179 0.67 -30.89 1.26
N TYR A 180 -0.28 -31.09 0.34
CA TYR A 180 -1.12 -32.31 0.22
C TYR A 180 -1.14 -32.71 -1.25
N GLN A 181 -0.60 -33.89 -1.52
CA GLN A 181 -0.63 -34.59 -2.84
C GLN A 181 -0.28 -33.59 -3.96
N SER A 182 0.78 -32.83 -3.80
CA SER A 182 1.09 -31.69 -4.69
C SER A 182 2.59 -31.62 -4.85
N SER A 183 3.08 -30.55 -5.48
CA SER A 183 4.51 -30.15 -5.69
C SER A 183 4.59 -28.62 -5.51
N GLY A 184 5.72 -28.09 -5.12
CA GLY A 184 6.02 -26.65 -5.17
C GLY A 184 7.32 -26.28 -4.49
N SER A 185 7.44 -25.01 -4.15
CA SER A 185 8.56 -24.46 -3.34
C SER A 185 8.01 -23.33 -2.48
N SER A 186 8.72 -23.01 -1.42
CA SER A 186 8.54 -21.75 -0.65
C SER A 186 9.93 -21.26 -0.31
N ASN A 187 10.02 -19.96 -0.06
CA ASN A 187 11.25 -19.28 0.37
C ASN A 187 10.76 -18.09 1.18
N LEU A 188 10.86 -18.23 2.50
CA LEU A 188 10.14 -17.35 3.44
C LEU A 188 11.09 -16.90 4.53
N THR A 189 10.93 -15.65 4.96
CA THR A 189 11.71 -15.10 6.09
C THR A 189 10.71 -14.67 7.15
N VAL A 190 10.89 -15.12 8.38
CA VAL A 190 9.97 -14.74 9.49
C VAL A 190 10.77 -13.91 10.50
N SER A 191 10.09 -12.99 11.19
CA SER A 191 10.59 -12.35 12.45
C SER A 191 9.32 -12.02 13.23
N GLY A 192 9.41 -11.40 14.39
CA GLY A 192 8.23 -10.83 15.04
C GLY A 192 8.52 -10.47 16.46
N LYS A 193 7.50 -10.18 17.26
CA LYS A 193 7.71 -9.73 18.67
C LYS A 193 6.37 -9.66 19.42
N LEU A 194 6.38 -9.99 20.72
CA LEU A 194 5.20 -10.08 21.63
C LEU A 194 4.50 -8.71 21.67
N ALA A 195 3.16 -8.66 21.69
CA ALA A 195 2.32 -7.43 21.59
C ALA A 195 1.91 -6.94 22.98
N ALA B 2 -7.84 29.08 2.76
CA ALA B 2 -8.58 27.94 3.28
C ALA B 2 -8.34 26.76 2.36
N THR B 3 -8.50 25.59 2.97
CA THR B 3 -8.29 24.27 2.37
C THR B 3 -9.35 23.32 2.91
N VAL B 4 -10.24 22.85 2.02
CA VAL B 4 -11.34 21.91 2.35
C VAL B 4 -10.73 20.52 2.39
N ILE B 5 -10.97 19.79 3.47
CA ILE B 5 -10.52 18.40 3.64
C ILE B 5 -11.79 17.53 3.69
N THR B 6 -11.88 16.56 2.77
CA THR B 6 -13.01 15.59 2.74
C THR B 6 -12.54 14.13 2.71
N THR B 7 -11.24 13.84 2.65
CA THR B 7 -10.72 12.47 2.50
C THR B 7 -9.76 12.20 3.65
N ASN B 8 -9.70 10.95 4.07
CA ASN B 8 -8.73 10.47 5.13
C ASN B 8 -7.30 10.85 4.76
N GLN B 9 -6.66 11.63 5.61
CA GLN B 9 -5.27 12.08 5.38
C GLN B 9 -4.76 12.73 6.65
N THR B 10 -3.45 12.94 6.76
CA THR B 10 -2.86 13.88 7.74
C THR B 10 -1.84 14.77 7.03
N GLY B 11 -1.46 15.87 7.68
CA GLY B 11 -0.42 16.77 7.17
C GLY B 11 -0.12 17.91 8.14
N THR B 12 0.52 18.95 7.60
CA THR B 12 0.80 20.24 8.27
C THR B 12 0.02 21.34 7.53
N ASN B 13 -0.27 22.41 8.26
CA ASN B 13 -1.13 23.55 7.87
C ASN B 13 -0.81 24.68 8.86
N ASN B 14 -0.11 25.69 8.37
CA ASN B 14 0.17 26.94 9.13
C ASN B 14 0.86 26.60 10.46
N GLY B 15 1.80 25.65 10.46
CA GLY B 15 2.65 25.28 11.61
C GLY B 15 1.94 24.36 12.59
N PHE B 16 0.86 23.70 12.16
CA PHE B 16 0.06 22.79 13.01
C PHE B 16 -0.14 21.47 12.29
N TYR B 17 -0.17 20.38 13.04
CA TYR B 17 -0.52 19.06 12.47
C TYR B 17 -2.04 19.00 12.32
N TYR B 18 -2.51 18.23 11.36
CA TYR B 18 -3.96 17.97 11.23
C TYR B 18 -4.22 16.50 10.86
N SER B 19 -5.33 15.97 11.36
CA SER B 19 -5.90 14.65 11.02
C SER B 19 -7.37 14.77 10.59
N PHE B 20 -7.72 14.00 9.58
CA PHE B 20 -9.09 13.83 9.08
C PHE B 20 -9.29 12.32 8.87
N TRP B 21 -10.29 11.80 9.57
CA TRP B 21 -10.80 10.43 9.43
C TRP B 21 -12.34 10.43 9.34
N THR B 22 -12.88 9.70 8.36
CA THR B 22 -14.31 9.34 8.25
C THR B 22 -14.37 7.84 7.91
N ASP B 23 -15.41 7.13 8.37
CA ASP B 23 -15.79 5.80 7.85
C ASP B 23 -16.52 6.00 6.51
N GLY B 24 -16.70 7.26 6.02
CA GLY B 24 -17.23 7.52 4.66
C GLY B 24 -18.75 7.73 4.61
N GLY B 25 -19.48 7.57 5.74
CA GLY B 25 -20.94 7.79 5.83
C GLY B 25 -21.29 9.24 5.62
N GLY B 26 -22.35 9.48 4.86
CA GLY B 26 -22.86 10.80 4.45
C GLY B 26 -21.75 11.74 4.02
N SER B 27 -21.80 12.96 4.54
CA SER B 27 -21.05 14.09 3.99
C SER B 27 -20.47 14.90 5.16
N VAL B 28 -19.13 14.99 5.18
CA VAL B 28 -18.23 15.46 6.27
C VAL B 28 -17.11 16.29 5.62
N SER B 29 -16.82 17.47 6.19
CA SER B 29 -15.69 18.31 5.73
C SER B 29 -15.07 19.04 6.91
N MET B 30 -13.76 19.18 6.84
CA MET B 30 -12.95 20.03 7.73
C MET B 30 -12.36 21.12 6.85
N THR B 31 -12.51 22.38 7.22
CA THR B 31 -11.82 23.48 6.51
C THR B 31 -10.66 23.97 7.38
N LEU B 32 -9.45 23.76 6.87
CA LEU B 32 -8.20 24.29 7.48
C LEU B 32 -8.11 25.79 7.12
N ASN B 33 -7.66 26.59 8.06
CA ASN B 33 -7.72 28.07 8.05
C ASN B 33 -6.40 28.53 8.67
N SER B 34 -6.19 29.84 8.81
CA SER B 34 -5.00 30.54 9.40
C SER B 34 -4.64 30.02 10.80
N GLY B 35 -3.37 30.06 11.18
CA GLY B 35 -2.90 29.71 12.52
C GLY B 35 -3.46 28.37 12.96
N GLY B 36 -4.05 28.29 14.17
CA GLY B 36 -4.67 27.06 14.72
C GLY B 36 -6.15 26.87 14.37
N ASN B 37 -6.73 27.58 13.42
CA ASN B 37 -8.20 27.56 13.20
C ASN B 37 -8.56 26.40 12.28
N TYR B 38 -9.73 25.83 12.50
CA TYR B 38 -10.36 24.89 11.55
C TYR B 38 -11.84 24.94 11.86
N SER B 39 -12.66 24.69 10.86
CA SER B 39 -14.11 24.57 11.05
C SER B 39 -14.49 23.18 10.53
N THR B 40 -15.64 22.67 10.94
CA THR B 40 -16.19 21.44 10.33
C THR B 40 -17.64 21.67 9.93
N SER B 41 -18.18 20.76 9.15
CA SER B 41 -19.56 20.82 8.65
C SER B 41 -19.89 19.39 8.27
N TRP B 42 -20.89 18.76 8.92
CA TRP B 42 -21.28 17.38 8.54
C TRP B 42 -22.79 17.21 8.41
N THR B 43 -23.18 16.34 7.53
CA THR B 43 -24.59 15.99 7.29
C THR B 43 -24.67 14.46 7.30
N ASN B 44 -25.45 13.91 8.24
CA ASN B 44 -25.77 12.45 8.29
C ASN B 44 -24.47 11.65 8.22
N CYS B 45 -23.52 11.99 9.10
CA CYS B 45 -22.21 11.30 9.15
C CYS B 45 -22.37 9.89 9.72
N GLY B 46 -21.47 8.99 9.31
CA GLY B 46 -21.31 7.68 9.97
C GLY B 46 -20.53 7.90 11.25
N ASN B 47 -19.22 8.04 11.14
CA ASN B 47 -18.29 8.33 12.26
C ASN B 47 -17.10 9.04 11.64
N PHE B 48 -16.66 10.16 12.22
CA PHE B 48 -15.52 10.97 11.73
C PHE B 48 -14.83 11.56 12.95
N VAL B 49 -13.49 11.66 12.93
CA VAL B 49 -12.68 12.51 13.87
C VAL B 49 -11.76 13.40 13.04
N ALA B 50 -11.73 14.69 13.33
CA ALA B 50 -10.96 15.68 12.54
C ALA B 50 -10.56 16.80 13.44
N GLY B 51 -9.35 17.31 13.23
CA GLY B 51 -8.89 18.52 13.92
C GLY B 51 -7.43 18.80 13.69
N LYS B 52 -6.91 19.71 14.51
CA LYS B 52 -5.56 20.31 14.43
C LYS B 52 -4.85 20.16 15.77
N GLY B 53 -3.55 19.93 15.72
CA GLY B 53 -2.67 20.11 16.88
C GLY B 53 -1.26 19.79 16.49
N TRP B 54 -0.79 18.66 16.98
CA TRP B 54 0.64 18.31 17.08
C TRP B 54 0.82 16.89 16.57
N SER B 55 1.98 16.63 15.99
CA SER B 55 2.33 15.35 15.33
C SER B 55 2.59 14.30 16.41
N ASN B 56 2.89 14.75 17.62
CA ASN B 56 3.26 13.85 18.74
C ASN B 56 2.55 14.37 19.98
N GLY B 57 1.90 13.50 20.74
CA GLY B 57 1.29 13.89 22.02
C GLY B 57 2.38 14.25 23.03
N GLY B 58 1.98 14.72 24.21
CA GLY B 58 2.91 15.21 25.25
C GLY B 58 2.17 15.94 26.35
N ARG B 59 2.88 16.34 27.40
CA ARG B 59 2.30 17.11 28.53
C ARG B 59 2.35 18.59 28.14
N ARG B 60 1.18 19.10 27.82
CA ARG B 60 0.97 20.37 27.08
C ARG B 60 -0.22 21.11 27.69
N ASN B 61 -0.05 22.41 27.89
CA ASN B 61 -1.17 23.31 28.23
C ASN B 61 -1.84 23.73 26.90
N VAL B 62 -2.92 23.03 26.55
CA VAL B 62 -3.69 23.31 25.30
C VAL B 62 -4.71 24.41 25.61
N GLN B 63 -4.75 25.42 24.75
CA GLN B 63 -5.71 26.55 24.74
C GLN B 63 -6.42 26.55 23.41
N TYR B 64 -7.72 26.80 23.44
CA TYR B 64 -8.58 26.68 22.26
C TYR B 64 -9.76 27.57 22.56
N SER B 65 -10.49 27.95 21.54
CA SER B 65 -11.71 28.78 21.62
C SER B 65 -12.57 28.49 20.40
N GLY B 66 -13.83 28.89 20.44
CA GLY B 66 -14.73 28.86 19.28
C GLY B 66 -16.09 28.36 19.68
N SER B 67 -16.75 27.70 18.72
CA SER B 67 -18.14 27.20 18.84
C SER B 67 -18.18 25.72 18.44
N PHE B 68 -19.19 25.00 18.97
CA PHE B 68 -19.46 23.58 18.69
C PHE B 68 -20.97 23.37 18.73
N TYR B 69 -21.55 23.00 17.58
CA TYR B 69 -23.00 22.88 17.32
C TYR B 69 -23.27 21.50 16.71
N PRO B 70 -23.30 20.45 17.52
CA PRO B 70 -23.72 19.14 17.03
C PRO B 70 -25.24 19.07 16.95
N SER B 71 -25.81 18.33 15.98
CA SER B 71 -27.27 18.07 15.84
C SER B 71 -27.47 16.56 15.90
N GLY B 72 -27.38 16.06 17.14
CA GLY B 72 -27.16 14.63 17.46
C GLY B 72 -25.85 14.42 18.19
N ASN B 73 -25.29 13.22 18.14
CA ASN B 73 -24.05 12.89 18.88
C ASN B 73 -22.83 13.56 18.22
N GLY B 74 -22.09 14.30 19.00
CA GLY B 74 -20.72 14.72 18.67
C GLY B 74 -19.92 15.03 19.93
N TYR B 75 -18.60 14.98 19.82
CA TYR B 75 -17.73 15.42 20.91
C TYR B 75 -16.74 16.45 20.44
N LEU B 76 -16.38 17.24 21.41
CA LEU B 76 -15.29 18.21 21.35
C LEU B 76 -14.28 17.70 22.36
N ALA B 77 -13.12 17.26 21.90
CA ALA B 77 -12.16 16.61 22.80
C ALA B 77 -10.73 16.82 22.31
N LEU B 78 -9.84 17.05 23.26
CA LEU B 78 -8.40 16.80 23.07
C LEU B 78 -8.22 15.28 22.86
N TYR B 79 -7.68 14.88 21.70
CA TYR B 79 -7.75 13.47 21.23
C TYR B 79 -6.39 12.97 20.78
N GLY B 80 -6.09 11.70 20.99
CA GLY B 80 -4.80 11.17 20.50
C GLY B 80 -4.67 9.67 20.69
N TRP B 81 -3.47 9.19 20.42
CA TRP B 81 -3.11 7.76 20.45
C TRP B 81 -1.71 7.60 21.05
N THR B 82 -1.50 6.48 21.72
CA THR B 82 -0.15 6.02 22.11
C THR B 82 0.05 4.65 21.44
N SER B 83 1.29 4.13 21.45
CA SER B 83 1.66 2.71 21.19
C SER B 83 2.34 2.09 22.40
N ASN B 84 2.33 0.76 22.47
CA ASN B 84 3.00 -0.02 23.55
C ASN B 84 2.67 0.61 24.90
N PRO B 85 1.39 0.59 25.35
CA PRO B 85 0.27 0.12 24.54
C PRO B 85 -0.44 1.13 23.64
N LEU B 86 -1.16 0.56 22.69
CA LEU B 86 -2.09 1.24 21.78
C LEU B 86 -3.29 1.69 22.59
N VAL B 87 -3.46 3.00 22.73
CA VAL B 87 -4.58 3.60 23.47
C VAL B 87 -5.10 4.77 22.63
N GLU B 88 -6.43 4.94 22.54
CA GLU B 88 -7.06 6.15 21.97
C GLU B 88 -7.60 6.95 23.17
N TYR B 89 -7.22 8.22 23.33
CA TYR B 89 -7.50 8.95 24.58
C TYR B 89 -8.27 10.21 24.22
N TYR B 90 -9.17 10.59 25.12
CA TYR B 90 -10.02 11.78 24.98
C TYR B 90 -10.04 12.54 26.29
N ILE B 91 -9.96 13.85 26.13
CA ILE B 91 -10.38 14.83 27.16
C ILE B 91 -11.49 15.63 26.51
N VAL B 92 -12.73 15.29 26.86
CA VAL B 92 -14.00 15.82 26.28
C VAL B 92 -14.43 17.05 27.08
N ASP B 93 -14.65 18.17 26.43
CA ASP B 93 -15.11 19.41 27.11
C ASP B 93 -16.55 19.65 26.75
N ASN B 94 -17.06 19.06 25.64
CA ASN B 94 -18.44 19.34 25.16
C ASN B 94 -18.94 18.14 24.35
N TRP B 95 -20.22 17.88 24.41
CA TRP B 95 -20.81 16.73 23.70
C TRP B 95 -22.24 17.08 23.26
N GLY B 96 -22.81 16.30 22.36
CA GLY B 96 -24.19 16.47 21.86
C GLY B 96 -25.17 15.69 22.72
N ASN B 97 -26.06 14.91 22.11
CA ASN B 97 -27.16 14.22 22.83
C ASN B 97 -26.64 12.96 23.57
N TYR B 98 -25.46 12.43 23.23
CA TYR B 98 -24.81 11.27 23.93
C TYR B 98 -23.60 11.72 24.75
N ARG B 99 -23.70 11.61 26.08
CA ARG B 99 -22.56 11.77 26.99
C ARG B 99 -21.79 10.46 27.03
N PRO B 100 -20.49 10.49 26.66
CA PRO B 100 -19.61 9.30 26.72
C PRO B 100 -19.56 8.70 28.13
N THR B 101 -19.43 7.38 28.21
CA THR B 101 -19.40 6.63 29.49
C THR B 101 -18.64 5.31 29.29
N GLY B 102 -18.52 4.56 30.35
CA GLY B 102 -17.75 3.31 30.38
C GLY B 102 -17.53 2.88 31.80
N THR B 103 -16.46 2.18 32.04
CA THR B 103 -16.08 1.84 33.40
C THR B 103 -15.64 3.17 34.01
N TYR B 104 -16.52 3.75 34.81
CA TYR B 104 -16.19 4.90 35.68
C TYR B 104 -15.07 4.50 36.62
N LYS B 105 -14.10 5.36 36.82
CA LYS B 105 -12.96 5.01 37.72
C LYS B 105 -12.94 5.95 38.93
N GLY B 106 -13.57 7.11 38.74
CA GLY B 106 -13.44 8.27 39.64
C GLY B 106 -13.41 9.57 38.87
N THR B 107 -12.84 10.61 39.49
CA THR B 107 -12.76 11.98 38.90
C THR B 107 -11.34 12.55 38.95
N VAL B 108 -11.13 13.59 38.16
CA VAL B 108 -9.93 14.46 38.23
C VAL B 108 -10.43 15.88 38.06
N THR B 109 -9.82 16.79 38.83
CA THR B 109 -10.06 18.25 38.82
C THR B 109 -8.96 18.90 37.97
N SER B 110 -9.34 19.70 36.97
CA SER B 110 -8.37 20.47 36.15
C SER B 110 -9.10 21.57 35.41
N ASP B 111 -8.40 22.69 35.23
CA ASP B 111 -8.75 23.82 34.31
C ASP B 111 -10.15 24.30 34.60
N GLY B 112 -10.47 24.43 35.90
CA GLY B 112 -11.69 25.08 36.38
C GLY B 112 -12.85 24.10 36.46
N GLY B 113 -12.62 22.84 36.08
CA GLY B 113 -13.73 21.87 36.13
C GLY B 113 -13.36 20.54 36.76
N THR B 114 -14.36 19.69 36.92
CA THR B 114 -14.20 18.30 37.35
C THR B 114 -14.51 17.42 36.16
N TYR B 115 -13.76 16.35 35.96
CA TYR B 115 -13.90 15.40 34.83
C TYR B 115 -14.12 14.02 35.42
N ASP B 116 -15.12 13.31 34.87
CA ASP B 116 -15.42 11.88 35.14
C ASP B 116 -14.43 11.05 34.30
N VAL B 117 -13.79 10.07 34.92
CA VAL B 117 -12.79 9.20 34.24
C VAL B 117 -13.47 7.89 33.90
N TYR B 118 -13.41 7.53 32.63
CA TYR B 118 -13.91 6.22 32.17
C TYR B 118 -12.87 5.52 31.31
N GLN B 119 -12.84 4.20 31.42
CA GLN B 119 -12.18 3.29 30.44
C GLN B 119 -13.26 2.53 29.64
N THR B 120 -13.06 2.39 28.32
CA THR B 120 -13.85 1.51 27.41
C THR B 120 -12.88 0.66 26.61
N THR B 121 -13.41 -0.32 25.90
CA THR B 121 -12.63 -1.15 24.94
C THR B 121 -13.36 -1.26 23.61
N ARG B 122 -12.61 -1.24 22.51
CA ARG B 122 -13.09 -1.43 21.13
C ARG B 122 -12.65 -2.83 20.68
N TYR B 123 -13.57 -3.68 20.20
CA TYR B 123 -13.25 -5.00 19.62
C TYR B 123 -13.05 -4.84 18.10
N ASN B 124 -11.88 -5.24 17.62
CA ASN B 124 -11.58 -5.43 16.18
C ASN B 124 -12.01 -4.14 15.47
N ALA B 125 -11.38 -3.02 15.81
CA ALA B 125 -11.82 -1.68 15.35
C ALA B 125 -10.70 -0.93 14.66
N PRO B 126 -11.04 -0.05 13.71
CA PRO B 126 -10.05 0.81 13.06
C PRO B 126 -9.25 1.62 14.09
N SER B 127 -7.97 1.81 13.80
CA SER B 127 -7.04 2.50 14.70
C SER B 127 -5.90 3.09 13.87
N VAL B 128 -5.07 3.92 14.49
CA VAL B 128 -3.89 4.47 13.77
C VAL B 128 -2.96 3.31 13.44
N GLU B 129 -3.09 2.12 14.06
CA GLU B 129 -2.21 0.93 13.74
C GLU B 129 -2.96 -0.12 12.90
N GLY B 130 -4.06 0.20 12.24
CA GLY B 130 -4.91 -0.77 11.54
C GLY B 130 -5.92 -1.43 12.49
N THR B 131 -6.79 -2.30 11.98
CA THR B 131 -7.89 -2.89 12.76
C THR B 131 -7.32 -3.66 13.95
N LYS B 132 -7.64 -3.22 15.16
CA LYS B 132 -7.06 -3.84 16.38
C LYS B 132 -8.12 -3.91 17.48
N THR B 133 -7.79 -4.55 18.58
CA THR B 133 -8.54 -4.43 19.87
C THR B 133 -7.73 -3.59 20.82
N PHE B 134 -8.33 -2.57 21.43
CA PHE B 134 -7.59 -1.57 22.26
C PHE B 134 -8.55 -0.87 23.22
N ASN B 135 -7.99 -0.31 24.28
CA ASN B 135 -8.70 0.55 25.24
C ASN B 135 -8.76 2.00 24.77
N GLN B 136 -9.81 2.70 25.21
CA GLN B 136 -9.99 4.15 25.11
C GLN B 136 -9.95 4.72 26.52
N TYR B 137 -9.26 5.82 26.71
CA TYR B 137 -9.20 6.57 27.99
C TYR B 137 -9.97 7.87 27.76
N TRP B 138 -10.74 8.21 28.75
CA TRP B 138 -11.79 9.26 28.73
C TRP B 138 -11.68 10.11 30.00
N SER B 139 -11.46 11.40 29.84
CA SER B 139 -11.91 12.47 30.78
C SER B 139 -13.08 13.20 30.14
N VAL B 140 -14.20 13.27 30.84
CA VAL B 140 -15.44 13.91 30.36
C VAL B 140 -15.86 14.95 31.42
N ARG B 141 -15.79 16.23 31.03
CA ARG B 141 -16.14 17.39 31.89
C ARG B 141 -17.57 17.21 32.41
N GLN B 142 -17.80 17.51 33.69
CA GLN B 142 -19.15 17.44 34.32
C GLN B 142 -20.02 18.62 33.85
N SER B 143 -19.47 19.69 33.26
CA SER B 143 -20.30 20.70 32.53
C SER B 143 -19.65 21.02 31.18
N LYS B 144 -20.51 21.25 30.19
CA LYS B 144 -20.12 21.53 28.80
C LYS B 144 -19.52 22.92 28.69
N ARG B 145 -18.46 23.04 27.92
CA ARG B 145 -17.85 24.35 27.59
C ARG B 145 -17.23 24.23 26.20
N THR B 146 -17.12 25.36 25.50
CA THR B 146 -16.30 25.50 24.28
C THR B 146 -15.31 26.64 24.53
N GLY B 147 -14.13 26.32 25.07
CA GLY B 147 -13.04 27.29 25.21
C GLY B 147 -12.43 27.30 26.61
N GLY B 148 -11.09 27.42 26.64
CA GLY B 148 -10.24 27.52 27.83
C GLY B 148 -8.96 26.73 27.63
N THR B 149 -8.51 26.06 28.71
CA THR B 149 -7.20 25.37 28.76
C THR B 149 -7.42 23.90 29.15
N ILE B 150 -6.66 23.00 28.53
CA ILE B 150 -6.62 21.57 28.91
C ILE B 150 -5.18 21.23 29.30
N THR B 151 -4.91 21.22 30.61
CA THR B 151 -3.62 20.75 31.17
C THR B 151 -3.58 19.21 31.06
N THR B 152 -3.07 18.71 29.94
CA THR B 152 -3.16 17.26 29.63
C THR B 152 -2.53 16.48 30.79
N GLY B 153 -1.35 16.90 31.27
CA GLY B 153 -0.61 16.19 32.33
C GLY B 153 -1.50 15.80 33.50
N ASN B 154 -2.42 16.69 33.92
CA ASN B 154 -3.40 16.41 35.01
C ASN B 154 -4.23 15.14 34.67
N HIS B 155 -4.67 15.01 33.43
CA HIS B 155 -5.49 13.88 32.92
C HIS B 155 -4.63 12.61 32.92
N PHE B 156 -3.47 12.67 32.28
CA PHE B 156 -2.55 11.51 32.16
C PHE B 156 -2.21 10.97 33.57
N ASP B 157 -1.94 11.88 34.50
CA ASP B 157 -1.64 11.59 35.93
C ASP B 157 -2.84 10.83 36.50
N ALA B 158 -4.05 11.37 36.39
CA ALA B 158 -5.24 10.71 36.98
C ALA B 158 -5.48 9.37 36.27
N TRP B 159 -5.41 9.33 34.95
CA TRP B 159 -5.54 8.00 34.32
C TRP B 159 -4.57 7.03 34.99
N ALA B 160 -3.33 7.45 35.26
CA ALA B 160 -2.29 6.56 35.86
C ALA B 160 -2.65 6.16 37.31
N ARG B 161 -3.20 7.07 38.11
CA ARG B 161 -3.79 6.76 39.44
C ARG B 161 -4.78 5.60 39.30
N TYR B 162 -5.69 5.67 38.34
CA TYR B 162 -6.82 4.72 38.19
C TYR B 162 -6.37 3.48 37.39
N GLY B 163 -5.05 3.27 37.20
CA GLY B 163 -4.52 2.03 36.59
C GLY B 163 -4.70 1.97 35.07
N MET B 164 -4.75 3.12 34.39
CA MET B 164 -4.90 3.27 32.93
C MET B 164 -3.59 3.87 32.43
N GLN B 165 -2.61 3.05 32.06
CA GLN B 165 -1.24 3.53 31.73
C GLN B 165 -1.21 3.90 30.25
N LEU B 166 -0.59 5.02 29.93
CA LEU B 166 -0.38 5.48 28.53
C LEU B 166 0.87 4.83 27.97
N GLY B 167 0.88 4.66 26.66
CA GLY B 167 2.06 4.18 25.91
C GLY B 167 2.95 5.36 25.52
N SER B 168 3.79 5.15 24.50
CA SER B 168 4.62 6.25 23.94
C SER B 168 3.71 7.17 23.11
N PHE B 169 3.90 8.47 23.22
CA PHE B 169 3.24 9.46 22.33
C PHE B 169 3.93 9.51 20.95
N SER B 170 3.83 8.42 20.17
CA SER B 170 4.41 8.32 18.79
C SER B 170 3.37 8.74 17.74
N TYR B 171 2.17 9.09 18.17
CA TYR B 171 1.09 9.53 17.25
C TYR B 171 0.63 10.91 17.65
N TYR B 172 -0.20 11.49 16.79
CA TYR B 172 -0.69 12.87 16.94
C TYR B 172 -1.53 13.03 18.20
N MET B 173 -1.75 14.31 18.51
CA MET B 173 -2.63 14.82 19.58
C MET B 173 -3.27 16.09 19.02
N ILE B 174 -4.59 16.16 18.92
CA ILE B 174 -5.28 17.24 18.16
C ILE B 174 -6.49 17.69 18.96
N LEU B 175 -6.91 18.94 18.79
CA LEU B 175 -8.18 19.41 19.40
C LEU B 175 -9.22 19.01 18.37
N ALA B 176 -10.01 17.97 18.66
CA ALA B 176 -10.80 17.15 17.70
C ALA B 176 -12.28 17.49 17.75
N THR B 177 -12.97 17.44 16.60
CA THR B 177 -14.44 17.29 16.46
C THR B 177 -14.72 15.86 15.98
N GLU B 178 -15.65 15.14 16.64
CA GLU B 178 -16.06 13.76 16.29
C GLU B 178 -17.59 13.75 16.13
N GLY B 179 -18.06 13.06 15.09
CA GLY B 179 -19.48 12.81 14.82
C GLY B 179 -19.77 11.33 14.82
N TYR B 180 -20.95 11.02 15.29
CA TYR B 180 -21.55 9.66 15.22
C TYR B 180 -23.02 9.79 14.81
N GLN B 181 -23.40 9.30 13.63
CA GLN B 181 -24.81 9.32 13.19
C GLN B 181 -25.46 10.68 13.47
N SER B 182 -24.78 11.76 13.11
CA SER B 182 -25.30 13.12 13.40
C SER B 182 -25.09 14.05 12.21
N SER B 183 -25.51 15.29 12.39
CA SER B 183 -25.16 16.43 11.52
C SER B 183 -24.59 17.48 12.45
N GLY B 184 -23.91 18.48 11.92
CA GLY B 184 -23.46 19.55 12.79
C GLY B 184 -22.42 20.43 12.17
N SER B 185 -21.79 21.23 13.01
CA SER B 185 -20.69 22.14 12.63
C SER B 185 -19.85 22.48 13.86
N SER B 186 -18.58 22.84 13.65
CA SER B 186 -17.69 23.41 14.69
C SER B 186 -16.81 24.45 14.03
N ASN B 187 -16.35 25.43 14.80
CA ASN B 187 -15.36 26.45 14.35
C ASN B 187 -14.43 26.67 15.55
N LEU B 188 -13.16 26.28 15.42
CA LEU B 188 -12.27 26.14 16.59
C LEU B 188 -10.88 26.69 16.30
N THR B 189 -10.26 27.34 17.28
CA THR B 189 -8.84 27.76 17.24
C THR B 189 -8.03 27.10 18.35
N VAL B 190 -6.85 26.59 18.02
CA VAL B 190 -5.97 25.93 19.02
C VAL B 190 -4.58 26.57 18.95
N SER B 191 -3.84 26.47 20.06
CA SER B 191 -2.45 26.91 20.31
C SER B 191 -1.99 26.22 21.61
N GLY B 192 -0.70 26.25 21.96
CA GLY B 192 -0.18 25.60 23.19
C GLY B 192 1.26 25.97 23.51
N LYS B 193 1.75 25.46 24.65
CA LYS B 193 3.16 25.52 25.16
C LYS B 193 3.44 24.16 25.86
N LEU B 194 4.70 23.72 25.96
CA LEU B 194 5.07 22.40 26.59
C LEU B 194 5.37 22.59 28.09
N ALA C 2 -28.29 26.60 -15.80
CA ALA C 2 -26.95 26.78 -16.38
C ALA C 2 -26.28 28.03 -15.74
N THR C 3 -25.07 27.84 -15.27
CA THR C 3 -24.27 28.90 -14.64
C THR C 3 -23.04 29.10 -15.52
N VAL C 4 -22.81 30.32 -16.00
CA VAL C 4 -21.64 30.63 -16.85
C VAL C 4 -20.50 31.17 -15.95
N ILE C 5 -19.28 30.59 -16.03
CA ILE C 5 -18.10 30.99 -15.22
C ILE C 5 -17.06 31.58 -16.17
N THR C 6 -16.52 32.76 -15.84
CA THR C 6 -15.45 33.48 -16.57
C THR C 6 -14.40 34.09 -15.64
N THR C 7 -14.44 33.82 -14.33
CA THR C 7 -13.51 34.40 -13.32
C THR C 7 -13.08 33.26 -12.41
N ASN C 8 -11.82 33.32 -11.98
CA ASN C 8 -11.10 32.36 -11.10
C ASN C 8 -11.89 32.11 -9.82
N GLN C 9 -12.30 30.86 -9.60
CA GLN C 9 -13.14 30.47 -8.43
C GLN C 9 -13.13 28.95 -8.31
N THR C 10 -13.58 28.48 -7.15
CA THR C 10 -14.06 27.10 -6.93
C THR C 10 -15.38 27.19 -6.16
N GLY C 11 -16.13 26.09 -6.15
CA GLY C 11 -17.48 26.00 -5.59
C GLY C 11 -18.09 24.68 -5.91
N THR C 12 -19.40 24.56 -5.74
CA THR C 12 -20.22 23.32 -5.90
C THR C 12 -21.30 23.64 -6.92
N ASN C 13 -21.74 22.64 -7.66
CA ASN C 13 -22.73 22.77 -8.73
C ASN C 13 -23.33 21.36 -8.94
N ASN C 14 -24.61 21.21 -8.59
CA ASN C 14 -25.41 19.98 -8.75
C ASN C 14 -24.63 18.75 -8.24
N GLY C 15 -24.04 18.87 -7.05
CA GLY C 15 -23.44 17.77 -6.27
C GLY C 15 -21.96 17.55 -6.55
N PHE C 16 -21.41 18.20 -7.58
CA PHE C 16 -19.97 18.12 -7.94
C PHE C 16 -19.28 19.39 -7.52
N TYR C 17 -18.02 19.23 -7.14
CA TYR C 17 -16.97 20.28 -7.07
C TYR C 17 -16.61 20.76 -8.48
N TYR C 18 -16.22 22.02 -8.60
CA TYR C 18 -15.65 22.56 -9.86
C TYR C 18 -14.56 23.60 -9.55
N SER C 19 -13.73 23.86 -10.55
CA SER C 19 -12.57 24.76 -10.51
C SER C 19 -12.47 25.40 -11.88
N PHE C 20 -12.23 26.71 -11.90
CA PHE C 20 -12.03 27.52 -13.12
C PHE C 20 -10.82 28.41 -12.82
N TRP C 21 -9.74 28.26 -13.59
CA TRP C 21 -8.54 29.14 -13.53
C TRP C 21 -8.17 29.47 -14.96
N THR C 22 -8.11 30.78 -15.26
CA THR C 22 -7.56 31.41 -16.49
C THR C 22 -6.44 32.41 -16.09
N ASP C 23 -5.44 32.63 -16.94
CA ASP C 23 -4.41 33.67 -16.65
C ASP C 23 -4.86 34.99 -17.25
N GLY C 24 -6.04 35.02 -17.90
CA GLY C 24 -6.70 36.22 -18.46
C GLY C 24 -6.34 36.55 -19.90
N GLY C 25 -5.51 35.79 -20.62
CA GLY C 25 -5.39 35.94 -22.09
C GLY C 25 -6.67 35.47 -22.78
N GLY C 26 -7.21 36.22 -23.73
CA GLY C 26 -8.36 35.81 -24.59
C GLY C 26 -9.65 35.36 -23.87
N SER C 27 -10.66 34.95 -24.66
CA SER C 27 -12.03 34.62 -24.20
C SER C 27 -12.10 33.19 -23.73
N VAL C 28 -12.28 33.01 -22.42
CA VAL C 28 -12.51 31.67 -21.81
C VAL C 28 -13.78 31.67 -20.97
N SER C 29 -14.67 30.72 -21.23
CA SER C 29 -15.91 30.54 -20.44
C SER C 29 -16.14 29.04 -20.18
N MET C 30 -16.76 28.75 -19.04
CA MET C 30 -17.24 27.40 -18.65
C MET C 30 -18.74 27.52 -18.33
N THR C 31 -19.55 26.59 -18.83
CA THR C 31 -20.97 26.47 -18.49
C THR C 31 -21.19 25.24 -17.57
N LEU C 32 -21.66 25.48 -16.36
CA LEU C 32 -22.10 24.40 -15.46
C LEU C 32 -23.58 24.05 -15.75
N ASN C 33 -23.81 22.76 -15.93
CA ASN C 33 -25.12 22.16 -16.24
C ASN C 33 -25.42 21.07 -15.21
N SER C 34 -26.52 20.39 -15.45
CA SER C 34 -27.04 19.23 -14.69
C SER C 34 -25.91 18.29 -14.25
N GLY C 35 -26.00 17.83 -13.00
CA GLY C 35 -25.24 16.68 -12.47
C GLY C 35 -23.76 16.90 -12.63
N GLY C 36 -23.08 15.97 -13.32
CA GLY C 36 -21.65 16.01 -13.63
C GLY C 36 -21.32 16.77 -14.91
N ASN C 37 -22.26 17.45 -15.57
CA ASN C 37 -21.98 18.01 -16.93
C ASN C 37 -21.38 19.43 -16.84
N TYR C 38 -20.39 19.72 -17.69
CA TYR C 38 -19.87 21.09 -17.98
C TYR C 38 -19.53 21.19 -19.45
N SER C 39 -19.53 22.40 -19.99
CA SER C 39 -19.07 22.68 -21.37
C SER C 39 -18.04 23.83 -21.30
N THR C 40 -17.12 23.93 -22.22
CA THR C 40 -16.26 25.12 -22.30
C THR C 40 -16.35 25.67 -23.70
N SER C 41 -15.94 26.89 -23.87
CA SER C 41 -15.69 27.51 -25.18
C SER C 41 -14.55 28.51 -25.01
N TRP C 42 -13.52 28.49 -25.85
CA TRP C 42 -12.43 29.49 -25.73
C TRP C 42 -11.96 29.94 -27.09
N THR C 43 -11.45 31.17 -27.15
CA THR C 43 -11.02 31.88 -28.36
C THR C 43 -9.72 32.58 -28.02
N ASN C 44 -8.63 32.16 -28.65
CA ASN C 44 -7.30 32.79 -28.48
C ASN C 44 -7.00 32.99 -26.98
N CYS C 45 -7.02 31.89 -26.23
CA CYS C 45 -6.75 31.86 -24.77
C CYS C 45 -5.26 32.11 -24.53
N GLY C 46 -4.91 32.60 -23.34
CA GLY C 46 -3.57 32.46 -22.78
C GLY C 46 -3.43 31.05 -22.28
N ASN C 47 -3.78 30.83 -21.02
CA ASN C 47 -3.72 29.49 -20.39
C ASN C 47 -4.88 29.43 -19.39
N PHE C 48 -5.67 28.37 -19.45
CA PHE C 48 -6.79 28.12 -18.49
C PHE C 48 -6.91 26.62 -18.24
N VAL C 49 -7.47 26.27 -17.08
CA VAL C 49 -7.86 24.90 -16.64
C VAL C 49 -9.23 25.00 -15.94
N ALA C 50 -10.19 24.18 -16.38
CA ALA C 50 -11.57 24.21 -15.85
C ALA C 50 -12.21 22.81 -15.87
N GLY C 51 -13.02 22.51 -14.86
CA GLY C 51 -13.66 21.18 -14.80
C GLY C 51 -14.45 20.98 -13.53
N LYS C 52 -15.21 19.88 -13.52
CA LYS C 52 -15.92 19.28 -12.39
C LYS C 52 -15.17 18.02 -11.93
N GLY C 53 -15.31 17.73 -10.64
CA GLY C 53 -14.94 16.48 -9.96
C GLY C 53 -15.17 16.66 -8.46
N TRP C 54 -14.09 16.66 -7.68
CA TRP C 54 -14.16 16.47 -6.21
C TRP C 54 -13.29 17.50 -5.48
N SER C 55 -13.73 17.87 -4.26
CA SER C 55 -13.01 18.82 -3.37
C SER C 55 -11.61 18.27 -3.06
N ASN C 56 -11.45 16.95 -3.06
CA ASN C 56 -10.17 16.24 -2.76
C ASN C 56 -9.99 15.09 -3.73
N GLY C 57 -8.74 14.89 -4.12
CA GLY C 57 -8.25 13.71 -4.85
C GLY C 57 -8.35 12.44 -4.03
N GLY C 58 -8.05 11.32 -4.66
CA GLY C 58 -7.95 10.00 -4.05
C GLY C 58 -7.99 8.91 -5.10
N ARG C 59 -7.95 7.67 -4.62
CA ARG C 59 -8.03 6.47 -5.46
C ARG C 59 -9.51 6.35 -5.80
N ARG C 60 -9.82 6.73 -7.04
CA ARG C 60 -11.17 6.75 -7.62
C ARG C 60 -11.14 6.03 -8.96
N ASN C 61 -12.26 5.42 -9.31
CA ASN C 61 -12.53 5.00 -10.68
C ASN C 61 -13.37 6.13 -11.25
N VAL C 62 -12.80 6.93 -12.14
CA VAL C 62 -13.49 8.07 -12.76
C VAL C 62 -14.11 7.60 -14.09
N GLN C 63 -15.37 7.94 -14.30
CA GLN C 63 -16.14 7.57 -15.50
C GLN C 63 -16.56 8.89 -16.14
N TYR C 64 -16.30 9.09 -17.44
CA TYR C 64 -16.62 10.35 -18.12
C TYR C 64 -16.98 10.01 -19.55
N SER C 65 -17.85 10.86 -20.12
CA SER C 65 -18.21 10.88 -21.54
C SER C 65 -18.23 12.35 -22.04
N GLY C 66 -18.24 12.49 -23.37
CA GLY C 66 -18.57 13.70 -24.11
C GLY C 66 -17.57 13.94 -25.23
N SER C 67 -17.27 15.21 -25.50
CA SER C 67 -16.62 15.69 -26.75
C SER C 67 -15.53 16.71 -26.41
N PHE C 68 -14.46 16.75 -27.19
CA PHE C 68 -13.29 17.63 -26.89
C PHE C 68 -12.70 18.09 -28.22
N TYR C 69 -12.82 19.38 -28.52
CA TYR C 69 -12.61 19.95 -29.87
C TYR C 69 -11.60 21.09 -29.77
N PRO C 70 -10.32 20.82 -29.52
CA PRO C 70 -9.32 21.88 -29.51
C PRO C 70 -8.84 22.27 -30.93
N SER C 71 -8.68 23.57 -31.23
CA SER C 71 -7.93 24.11 -32.41
C SER C 71 -6.63 24.62 -31.87
N GLY C 72 -5.56 23.84 -32.02
CA GLY C 72 -4.28 24.15 -31.37
C GLY C 72 -4.17 23.41 -30.05
N ASN C 73 -3.40 23.97 -29.12
CA ASN C 73 -2.88 23.22 -27.96
C ASN C 73 -3.95 23.14 -26.85
N GLY C 74 -4.32 21.94 -26.45
CA GLY C 74 -5.20 21.74 -25.30
C GLY C 74 -4.99 20.36 -24.76
N TYR C 75 -5.43 20.10 -23.52
CA TYR C 75 -5.37 18.77 -22.85
C TYR C 75 -6.77 18.45 -22.36
N LEU C 76 -7.14 17.17 -22.42
CA LEU C 76 -8.26 16.62 -21.63
C LEU C 76 -7.63 15.71 -20.60
N ALA C 77 -7.74 16.05 -19.30
CA ALA C 77 -7.01 15.31 -18.24
C ALA C 77 -7.77 15.29 -16.92
N LEU C 78 -7.68 14.15 -16.22
CA LEU C 78 -7.93 14.04 -14.76
C LEU C 78 -6.81 14.81 -14.07
N TYR C 79 -7.13 15.82 -13.31
CA TYR C 79 -6.18 16.89 -12.92
C TYR C 79 -6.41 17.24 -11.44
N GLY C 80 -5.31 17.45 -10.72
CA GLY C 80 -5.27 17.51 -9.25
C GLY C 80 -3.96 18.04 -8.71
N TRP C 81 -3.97 18.40 -7.42
CA TRP C 81 -2.81 18.87 -6.64
C TRP C 81 -2.74 18.07 -5.36
N THR C 82 -1.50 17.89 -4.85
CA THR C 82 -1.20 17.40 -3.48
C THR C 82 -0.46 18.50 -2.71
N SER C 83 -0.34 18.34 -1.39
CA SER C 83 0.58 19.13 -0.52
C SER C 83 1.58 18.17 0.13
N ASN C 84 2.74 18.70 0.53
CA ASN C 84 3.75 18.00 1.40
C ASN C 84 4.04 16.66 0.74
N PRO C 85 4.59 16.61 -0.50
CA PRO C 85 4.94 17.78 -1.29
C PRO C 85 3.83 18.30 -2.21
N LEU C 86 4.02 19.54 -2.65
CA LEU C 86 3.09 20.21 -3.58
C LEU C 86 3.29 19.61 -4.97
N VAL C 87 2.23 19.04 -5.55
CA VAL C 87 2.34 18.45 -6.91
C VAL C 87 1.11 18.84 -7.72
N GLU C 88 1.34 19.17 -9.00
CA GLU C 88 0.32 19.25 -10.07
C GLU C 88 0.34 17.93 -10.85
N TYR C 89 -0.77 17.16 -10.89
CA TYR C 89 -0.79 15.85 -11.61
C TYR C 89 -1.84 15.83 -12.74
N TYR C 90 -1.56 14.98 -13.73
CA TYR C 90 -2.34 14.85 -14.97
C TYR C 90 -2.36 13.39 -15.45
N ILE C 91 -3.55 12.91 -15.77
CA ILE C 91 -3.76 11.70 -16.58
C ILE C 91 -4.47 12.23 -17.81
N VAL C 92 -3.72 12.45 -18.88
CA VAL C 92 -4.17 13.05 -20.16
C VAL C 92 -4.70 11.98 -21.10
N ASP C 93 -5.97 12.05 -21.49
CA ASP C 93 -6.61 11.06 -22.39
C ASP C 93 -6.71 11.65 -23.80
N ASN C 94 -6.45 12.96 -23.98
CA ASN C 94 -6.69 13.64 -25.29
C ASN C 94 -5.93 14.98 -25.30
N TRP C 95 -5.69 15.54 -26.47
CA TRP C 95 -4.81 16.73 -26.58
C TRP C 95 -5.03 17.30 -27.98
N GLY C 96 -4.44 18.46 -28.26
CA GLY C 96 -4.55 19.12 -29.57
C GLY C 96 -3.36 18.84 -30.43
N ASN C 97 -2.70 19.90 -30.90
CA ASN C 97 -1.66 19.81 -31.94
C ASN C 97 -0.39 19.28 -31.28
N TYR C 98 -0.28 19.42 -29.97
CA TYR C 98 0.92 19.07 -29.17
C TYR C 98 0.50 18.03 -28.09
N ARG C 99 1.09 16.83 -28.20
CA ARG C 99 1.11 15.82 -27.10
C ARG C 99 2.12 16.23 -26.03
N PRO C 100 1.70 16.42 -24.76
CA PRO C 100 2.60 16.91 -23.71
C PRO C 100 3.60 15.80 -23.34
N THR C 101 4.86 16.17 -23.06
CA THR C 101 5.95 15.23 -22.70
C THR C 101 6.89 15.98 -21.75
N GLY C 102 8.01 15.37 -21.37
CA GLY C 102 8.94 15.87 -20.34
C GLY C 102 9.97 14.80 -20.10
N THR C 103 10.61 14.73 -18.93
CA THR C 103 11.53 13.61 -18.60
C THR C 103 10.73 12.30 -18.64
N TYR C 104 10.96 11.41 -19.61
CA TYR C 104 10.43 10.01 -19.63
C TYR C 104 10.85 9.19 -18.37
N LYS C 105 9.88 8.47 -17.78
CA LYS C 105 10.01 7.77 -16.47
C LYS C 105 9.62 6.30 -16.61
N GLY C 106 8.70 6.00 -17.53
CA GLY C 106 8.19 4.64 -17.80
C GLY C 106 6.81 4.73 -18.41
N THR C 107 5.98 3.73 -18.16
CA THR C 107 4.66 3.52 -18.78
C THR C 107 3.70 2.97 -17.71
N VAL C 108 2.40 3.00 -18.02
CA VAL C 108 1.35 2.41 -17.17
C VAL C 108 0.21 2.07 -18.10
N THR C 109 -0.20 0.82 -18.14
CA THR C 109 -1.26 0.40 -19.08
C THR C 109 -2.51 0.31 -18.22
N SER C 110 -3.57 1.04 -18.56
CA SER C 110 -4.76 1.19 -17.69
C SER C 110 -5.97 1.51 -18.54
N ASP C 111 -7.08 0.83 -18.30
CA ASP C 111 -8.38 1.27 -18.86
C ASP C 111 -8.30 1.25 -20.38
N GLY C 112 -7.64 0.25 -20.97
CA GLY C 112 -7.58 -0.03 -22.42
C GLY C 112 -6.59 0.84 -23.14
N GLY C 113 -5.71 1.55 -22.43
CA GLY C 113 -4.73 2.48 -23.02
C GLY C 113 -3.35 2.30 -22.43
N THR C 114 -2.29 2.55 -23.20
CA THR C 114 -0.93 2.64 -22.66
C THR C 114 -0.63 4.11 -22.48
N TYR C 115 -0.16 4.50 -21.30
CA TYR C 115 0.28 5.90 -20.99
C TYR C 115 1.78 5.94 -20.78
N ASP C 116 2.45 6.89 -21.43
CA ASP C 116 3.84 7.25 -21.07
C ASP C 116 3.78 8.08 -19.80
N VAL C 117 4.77 7.91 -18.92
CA VAL C 117 4.86 8.68 -17.67
C VAL C 117 5.99 9.69 -17.80
N TYR C 118 5.71 10.96 -17.50
CA TYR C 118 6.68 12.08 -17.57
C TYR C 118 6.64 12.87 -16.24
N GLN C 119 7.77 13.48 -15.92
CA GLN C 119 7.92 14.48 -14.87
C GLN C 119 8.55 15.72 -15.51
N THR C 120 8.00 16.91 -15.21
CA THR C 120 8.48 18.27 -15.53
C THR C 120 8.42 19.07 -14.22
N THR C 121 8.84 20.34 -14.27
CA THR C 121 8.98 21.23 -13.07
C THR C 121 8.49 22.63 -13.46
N ARG C 122 7.70 23.25 -12.61
CA ARG C 122 7.28 24.66 -12.82
C ARG C 122 8.09 25.51 -11.85
N TYR C 123 8.75 26.51 -12.40
CA TYR C 123 9.67 27.36 -11.62
C TYR C 123 8.88 28.65 -11.28
N ASN C 124 8.73 28.91 -9.98
CA ASN C 124 8.11 30.17 -9.47
C ASN C 124 6.82 30.47 -10.25
N ALA C 125 5.82 29.60 -10.17
CA ALA C 125 4.63 29.65 -11.06
C ALA C 125 3.38 29.60 -10.19
N PRO C 126 2.23 30.00 -10.75
CA PRO C 126 0.96 29.96 -10.01
C PRO C 126 0.52 28.53 -9.63
N SER C 127 -0.19 28.41 -8.53
CA SER C 127 -0.57 27.12 -7.92
C SER C 127 -1.64 27.39 -6.87
N VAL C 128 -2.24 26.34 -6.36
CA VAL C 128 -3.21 26.46 -5.26
C VAL C 128 -2.55 26.98 -3.99
N GLU C 129 -1.22 26.96 -3.88
CA GLU C 129 -0.48 27.51 -2.69
C GLU C 129 0.11 28.90 -3.04
N GLY C 130 -0.28 29.50 -4.17
CA GLY C 130 0.31 30.73 -4.72
C GLY C 130 1.58 30.50 -5.55
N THR C 131 2.43 31.51 -5.68
CA THR C 131 3.70 31.47 -6.47
C THR C 131 4.65 30.46 -5.82
N LYS C 132 4.89 29.34 -6.49
CA LYS C 132 5.68 28.22 -5.92
C LYS C 132 6.49 27.53 -7.03
N THR C 133 7.40 26.67 -6.62
CA THR C 133 8.09 25.74 -7.56
C THR C 133 7.64 24.30 -7.25
N PHE C 134 7.33 23.49 -8.24
CA PHE C 134 6.74 22.14 -8.01
C PHE C 134 6.96 21.25 -9.24
N ASN C 135 7.02 19.94 -9.01
CA ASN C 135 6.97 18.93 -10.06
C ASN C 135 5.54 18.84 -10.61
N GLN C 136 5.43 18.64 -11.92
CA GLN C 136 4.21 18.12 -12.55
C GLN C 136 4.48 16.65 -12.87
N TYR C 137 3.54 15.75 -12.54
CA TYR C 137 3.54 14.29 -12.87
C TYR C 137 2.47 14.00 -13.94
N TRP C 138 2.88 13.41 -15.07
CA TRP C 138 2.02 13.16 -16.25
C TRP C 138 1.92 11.66 -16.51
N SER C 139 0.71 11.15 -16.65
CA SER C 139 0.38 9.96 -17.46
C SER C 139 -0.23 10.46 -18.77
N VAL C 140 0.34 10.12 -19.93
CA VAL C 140 -0.13 10.64 -21.25
C VAL C 140 -0.42 9.44 -22.14
N ARG C 141 -1.68 9.30 -22.54
CA ARG C 141 -2.12 8.13 -23.33
C ARG C 141 -1.44 8.18 -24.72
N GLN C 142 -1.23 7.02 -25.34
CA GLN C 142 -0.47 6.88 -26.61
C GLN C 142 -1.43 7.14 -27.75
N SER C 143 -2.72 7.21 -27.43
CA SER C 143 -3.76 7.58 -28.40
C SER C 143 -4.87 8.36 -27.71
N LYS C 144 -5.57 9.14 -28.50
CA LYS C 144 -6.58 10.09 -28.02
C LYS C 144 -7.90 9.38 -27.82
N ARG C 145 -8.66 9.81 -26.82
CA ARG C 145 -10.04 9.33 -26.55
C ARG C 145 -10.76 10.41 -25.74
N THR C 146 -12.07 10.45 -25.86
CA THR C 146 -12.99 11.34 -25.11
C THR C 146 -14.08 10.44 -24.56
N GLY C 147 -13.71 9.74 -23.48
CA GLY C 147 -14.65 8.96 -22.66
C GLY C 147 -14.10 7.63 -22.20
N GLY C 148 -14.58 7.17 -21.05
CA GLY C 148 -14.36 5.81 -20.51
C GLY C 148 -14.01 5.89 -19.03
N THR C 149 -13.21 4.94 -18.56
CA THR C 149 -12.80 4.88 -17.14
C THR C 149 -11.34 5.25 -17.04
N ILE C 150 -11.03 5.96 -15.94
CA ILE C 150 -9.66 6.27 -15.44
C ILE C 150 -9.61 5.78 -13.98
N THR C 151 -8.84 4.71 -13.78
CA THR C 151 -8.50 4.04 -12.51
C THR C 151 -7.27 4.75 -11.99
N THR C 152 -7.44 5.79 -11.20
CA THR C 152 -6.35 6.66 -10.69
C THR C 152 -5.31 5.84 -9.93
N GLY C 153 -5.72 4.83 -9.13
CA GLY C 153 -4.78 3.97 -8.38
C GLY C 153 -3.63 3.46 -9.24
N ASN C 154 -3.96 2.96 -10.43
CA ASN C 154 -3.00 2.35 -11.38
C ASN C 154 -1.90 3.37 -11.70
N HIS C 155 -2.27 4.63 -11.94
CA HIS C 155 -1.34 5.74 -12.24
C HIS C 155 -0.57 6.16 -10.97
N PHE C 156 -1.23 6.30 -9.82
CA PHE C 156 -0.56 6.73 -8.57
C PHE C 156 0.51 5.71 -8.16
N ASP C 157 0.20 4.43 -8.26
CA ASP C 157 1.10 3.29 -7.95
C ASP C 157 2.30 3.25 -8.91
N ALA C 158 2.06 3.29 -10.23
CA ALA C 158 3.14 3.34 -11.23
C ALA C 158 4.10 4.48 -10.87
N TRP C 159 3.57 5.69 -10.69
CA TRP C 159 4.34 6.93 -10.42
C TRP C 159 5.21 6.75 -9.17
N ALA C 160 4.63 6.20 -8.08
CA ALA C 160 5.31 5.83 -6.81
C ALA C 160 6.49 4.87 -7.09
N ARG C 161 6.26 3.77 -7.77
CA ARG C 161 7.39 2.87 -8.15
C ARG C 161 8.49 3.70 -8.84
N TYR C 162 8.14 4.65 -9.72
CA TYR C 162 9.15 5.45 -10.49
C TYR C 162 9.76 6.59 -9.66
N GLY C 163 9.45 6.67 -8.35
CA GLY C 163 10.07 7.64 -7.41
C GLY C 163 9.36 8.99 -7.36
N MET C 164 8.23 9.11 -8.09
CA MET C 164 7.35 10.31 -8.13
C MET C 164 6.24 10.12 -7.07
N GLN C 165 6.48 10.59 -5.85
CA GLN C 165 5.61 10.28 -4.67
C GLN C 165 4.57 11.39 -4.62
N LEU C 166 3.37 11.09 -4.15
CA LEU C 166 2.31 12.11 -4.02
C LEU C 166 2.21 12.56 -2.55
N GLY C 167 1.82 13.81 -2.34
CA GLY C 167 1.49 14.37 -1.03
C GLY C 167 0.06 14.08 -0.60
N SER C 168 -0.41 14.75 0.45
CA SER C 168 -1.80 14.56 0.93
C SER C 168 -2.72 15.07 -0.20
N PHE C 169 -3.87 14.41 -0.39
CA PHE C 169 -4.97 14.82 -1.29
C PHE C 169 -5.80 15.93 -0.63
N SER C 170 -5.18 17.08 -0.44
CA SER C 170 -5.75 18.18 0.37
C SER C 170 -6.38 19.21 -0.57
N TYR C 171 -6.36 18.92 -1.88
CA TYR C 171 -6.85 19.79 -2.98
C TYR C 171 -7.72 18.98 -3.95
N TYR C 172 -8.33 19.71 -4.88
CA TYR C 172 -9.37 19.19 -5.82
C TYR C 172 -8.74 18.19 -6.83
N MET C 173 -9.65 17.41 -7.41
CA MET C 173 -9.39 16.46 -8.51
C MET C 173 -10.60 16.59 -9.46
N ILE C 174 -10.38 17.10 -10.67
CA ILE C 174 -11.43 17.39 -11.67
C ILE C 174 -11.08 16.72 -13.00
N LEU C 175 -12.10 16.42 -13.78
CA LEU C 175 -11.99 16.09 -15.22
C LEU C 175 -11.98 17.44 -15.95
N ALA C 176 -10.78 17.83 -16.40
CA ALA C 176 -10.39 19.19 -16.74
C ALA C 176 -10.15 19.32 -18.26
N THR C 177 -10.64 20.44 -18.79
CA THR C 177 -10.25 21.00 -20.11
C THR C 177 -9.17 22.06 -19.86
N GLU C 178 -8.01 21.97 -20.52
CA GLU C 178 -6.92 23.00 -20.50
C GLU C 178 -6.78 23.51 -21.94
N GLY C 179 -6.52 24.81 -22.07
CA GLY C 179 -6.16 25.48 -23.34
C GLY C 179 -4.84 26.22 -23.19
N TYR C 180 -3.98 26.14 -24.20
CA TYR C 180 -2.77 26.99 -24.32
C TYR C 180 -2.76 27.63 -25.71
N GLN C 181 -2.97 28.95 -25.74
CA GLN C 181 -2.78 29.82 -26.93
C GLN C 181 -3.57 29.23 -28.11
N SER C 182 -4.85 28.98 -27.89
CA SER C 182 -5.66 28.20 -28.84
C SER C 182 -7.12 28.62 -28.69
N SER C 183 -7.99 28.04 -29.51
CA SER C 183 -9.47 28.03 -29.35
C SER C 183 -9.97 26.58 -29.19
N GLY C 184 -11.22 26.44 -28.75
CA GLY C 184 -11.95 25.16 -28.80
C GLY C 184 -13.26 25.18 -28.05
N SER C 185 -13.83 24.01 -27.92
CA SER C 185 -14.95 23.71 -27.02
C SER C 185 -14.66 22.35 -26.38
N SER C 186 -15.36 22.05 -25.30
CA SER C 186 -15.44 20.73 -24.65
C SER C 186 -16.85 20.60 -24.08
N ASN C 187 -17.40 19.41 -24.02
CA ASN C 187 -18.73 19.14 -23.39
C ASN C 187 -18.54 17.80 -22.68
N LEU C 188 -18.48 17.79 -21.35
CA LEU C 188 -18.05 16.58 -20.60
C LEU C 188 -19.00 16.30 -19.47
N THR C 189 -19.24 15.01 -19.23
CA THR C 189 -19.99 14.52 -18.06
C THR C 189 -19.06 13.61 -17.23
N VAL C 190 -18.97 13.86 -15.92
CA VAL C 190 -18.10 13.11 -14.98
C VAL C 190 -18.96 12.46 -13.89
N SER C 191 -18.44 11.38 -13.29
CA SER C 191 -18.90 10.70 -12.06
C SER C 191 -17.79 9.72 -11.63
N GLY C 192 -17.82 9.15 -10.43
CA GLY C 192 -16.82 8.15 -9.99
C GLY C 192 -16.82 7.90 -8.48
N LYS C 193 -16.28 6.76 -8.04
CA LYS C 193 -16.48 6.22 -6.67
C LYS C 193 -15.10 5.99 -6.03
N LEU C 194 -14.97 6.29 -4.72
CA LEU C 194 -13.73 6.13 -3.90
C LEU C 194 -13.55 4.65 -3.53
N ALA D 2 30.26 9.26 -12.76
CA ALA D 2 29.37 8.18 -12.27
C ALA D 2 28.60 8.79 -11.10
N THR D 3 27.41 8.24 -10.78
CA THR D 3 26.52 8.77 -9.70
C THR D 3 25.92 7.59 -8.92
N VAL D 4 25.71 7.76 -7.63
CA VAL D 4 25.23 6.67 -6.73
C VAL D 4 23.82 7.04 -6.22
N ILE D 5 22.83 6.26 -6.65
CA ILE D 5 21.41 6.51 -6.29
C ILE D 5 21.02 5.49 -5.22
N THR D 6 20.14 5.94 -4.33
CA THR D 6 19.75 5.19 -3.11
C THR D 6 18.25 5.33 -2.83
N THR D 7 17.50 5.95 -3.74
CA THR D 7 16.03 6.22 -3.70
C THR D 7 15.39 5.77 -5.02
N ASN D 8 14.19 5.20 -4.93
CA ASN D 8 13.46 4.60 -6.09
C ASN D 8 13.37 5.66 -7.18
N GLN D 9 13.80 5.33 -8.39
CA GLN D 9 13.70 6.28 -9.53
C GLN D 9 14.00 5.51 -10.82
N THR D 10 13.64 6.11 -11.94
CA THR D 10 13.94 5.60 -13.28
C THR D 10 14.47 6.79 -14.05
N GLY D 11 15.01 6.58 -15.23
CA GLY D 11 15.39 7.65 -16.17
C GLY D 11 16.12 7.05 -17.33
N THR D 12 16.91 7.83 -18.02
CA THR D 12 17.80 7.28 -19.09
C THR D 12 19.19 7.79 -18.77
N ASN D 13 20.17 6.96 -19.01
CA ASN D 13 21.56 7.25 -18.64
C ASN D 13 22.42 6.81 -19.81
N ASN D 14 23.11 7.75 -20.47
CA ASN D 14 23.94 7.46 -21.68
C ASN D 14 23.12 6.62 -22.65
N GLY D 15 21.85 6.95 -22.83
CA GLY D 15 20.99 6.37 -23.89
C GLY D 15 20.24 5.12 -23.49
N PHE D 16 20.46 4.60 -22.27
CA PHE D 16 19.82 3.39 -21.71
C PHE D 16 18.76 3.75 -20.69
N TYR D 17 17.65 3.04 -20.70
CA TYR D 17 16.62 3.23 -19.65
C TYR D 17 17.26 2.62 -18.41
N TYR D 18 16.90 3.06 -17.22
CA TYR D 18 17.39 2.41 -15.97
C TYR D 18 16.27 2.50 -14.92
N SER D 19 16.26 1.48 -14.05
CA SER D 19 15.28 1.35 -12.95
C SER D 19 15.99 0.94 -11.64
N PHE D 20 15.69 1.66 -10.57
CA PHE D 20 16.09 1.35 -9.18
C PHE D 20 14.83 1.29 -8.33
N TRP D 21 14.54 0.13 -7.74
CA TRP D 21 13.46 -0.07 -6.76
C TRP D 21 13.99 -0.92 -5.63
N THR D 22 13.77 -0.42 -4.42
CA THR D 22 13.99 -1.11 -3.11
C THR D 22 12.77 -0.87 -2.22
N ASP D 23 12.40 -1.89 -1.43
CA ASP D 23 11.27 -1.83 -0.47
C ASP D 23 11.72 -1.06 0.76
N GLY D 24 13.00 -0.63 0.83
CA GLY D 24 13.53 0.20 1.93
C GLY D 24 14.40 -0.58 2.93
N GLY D 25 14.29 -1.91 2.90
CA GLY D 25 15.07 -2.87 3.71
C GLY D 25 16.55 -2.64 3.57
N GLY D 26 17.26 -2.55 4.70
CA GLY D 26 18.73 -2.46 4.77
C GLY D 26 19.31 -1.29 3.99
N SER D 27 20.48 -1.54 3.43
CA SER D 27 21.30 -0.53 2.71
C SER D 27 21.53 -0.99 1.27
N VAL D 28 20.98 -0.26 0.30
CA VAL D 28 21.02 -0.62 -1.16
C VAL D 28 21.41 0.60 -1.98
N SER D 29 22.26 0.40 -2.95
CA SER D 29 22.78 1.48 -3.80
C SER D 29 22.97 0.96 -5.23
N MET D 30 22.82 1.89 -6.18
CA MET D 30 23.11 1.64 -7.62
C MET D 30 24.01 2.73 -8.17
N THR D 31 25.06 2.32 -8.86
CA THR D 31 26.00 3.24 -9.53
C THR D 31 25.70 3.25 -11.03
N LEU D 32 25.47 4.42 -11.60
CA LEU D 32 25.30 4.66 -13.05
C LEU D 32 26.60 5.23 -13.61
N ASN D 33 27.15 4.57 -14.64
CA ASN D 33 28.52 4.80 -15.14
C ASN D 33 28.44 4.92 -16.67
N SER D 34 29.59 5.12 -17.30
CA SER D 34 29.79 5.26 -18.77
C SER D 34 29.08 4.12 -19.51
N GLY D 35 28.49 4.46 -20.66
CA GLY D 35 27.80 3.54 -21.55
C GLY D 35 26.79 2.69 -20.79
N GLY D 36 26.79 1.39 -21.02
CA GLY D 36 25.84 0.44 -20.43
C GLY D 36 26.21 0.06 -19.02
N ASN D 37 27.19 0.70 -18.39
CA ASN D 37 27.71 0.21 -17.10
C ASN D 37 26.76 0.66 -15.99
N TYR D 38 26.55 -0.23 -15.05
CA TYR D 38 26.04 0.08 -13.69
C TYR D 38 26.65 -0.91 -12.72
N SER D 39 26.54 -0.61 -11.43
CA SER D 39 27.03 -1.51 -10.37
C SER D 39 26.01 -1.45 -9.25
N THR D 40 25.96 -2.43 -8.38
CA THR D 40 25.05 -2.33 -7.23
C THR D 40 25.86 -2.71 -6.02
N SER D 41 25.50 -2.16 -4.89
CA SER D 41 26.08 -2.66 -3.63
C SER D 41 24.95 -2.80 -2.63
N TRP D 42 24.76 -3.95 -1.97
CA TRP D 42 23.69 -4.00 -0.94
C TRP D 42 24.06 -4.73 0.36
N THR D 43 23.44 -4.34 1.47
CA THR D 43 23.71 -4.93 2.82
C THR D 43 22.40 -5.19 3.54
N ASN D 44 22.12 -6.45 3.87
CA ASN D 44 20.92 -6.81 4.66
C ASN D 44 19.66 -6.23 4.00
N CYS D 45 19.45 -6.50 2.70
CA CYS D 45 18.34 -5.90 1.92
C CYS D 45 17.04 -6.61 2.36
N GLY D 46 15.89 -5.95 2.19
CA GLY D 46 14.61 -6.65 2.11
C GLY D 46 14.47 -7.24 0.71
N ASN D 47 14.01 -6.42 -0.21
CA ASN D 47 13.85 -6.79 -1.62
C ASN D 47 14.21 -5.55 -2.45
N PHE D 48 15.00 -5.72 -3.50
CA PHE D 48 15.32 -4.66 -4.49
C PHE D 48 15.52 -5.28 -5.87
N VAL D 49 15.29 -4.47 -6.89
CA VAL D 49 15.63 -4.73 -8.32
C VAL D 49 16.23 -3.44 -8.87
N ALA D 50 17.36 -3.54 -9.59
CA ALA D 50 18.04 -2.42 -10.28
C ALA D 50 18.62 -2.92 -11.60
N GLY D 51 18.50 -2.18 -12.69
CA GLY D 51 19.19 -2.56 -13.92
C GLY D 51 19.24 -1.44 -14.91
N LYS D 52 19.98 -1.65 -16.00
CA LYS D 52 19.94 -0.82 -17.24
C LYS D 52 19.43 -1.67 -18.38
N GLY D 53 18.82 -1.03 -19.36
CA GLY D 53 18.27 -1.70 -20.53
C GLY D 53 17.53 -0.73 -21.39
N TRP D 54 16.26 -1.03 -21.66
CA TRP D 54 15.44 -0.34 -22.66
C TRP D 54 14.09 0.03 -22.03
N SER D 55 13.46 1.06 -22.56
CA SER D 55 12.17 1.58 -22.05
C SER D 55 11.05 0.60 -22.36
N ASN D 56 11.22 -0.22 -23.39
CA ASN D 56 10.28 -1.24 -23.91
C ASN D 56 11.02 -2.56 -24.17
N GLY D 57 10.38 -3.68 -23.92
CA GLY D 57 10.85 -5.00 -24.34
C GLY D 57 10.66 -5.23 -25.84
N GLY D 58 11.24 -6.32 -26.30
CA GLY D 58 11.22 -6.79 -27.69
C GLY D 58 12.25 -7.89 -27.90
N ARG D 59 12.27 -8.39 -29.13
CA ARG D 59 13.19 -9.46 -29.56
C ARG D 59 14.53 -8.77 -29.86
N ARG D 60 15.51 -9.04 -29.02
CA ARG D 60 16.76 -8.26 -29.02
C ARG D 60 17.91 -9.24 -28.79
N ASN D 61 19.08 -8.93 -29.33
CA ASN D 61 20.31 -9.67 -28.99
C ASN D 61 21.00 -8.87 -27.90
N VAL D 62 20.65 -9.13 -26.64
CA VAL D 62 21.24 -8.41 -25.47
C VAL D 62 22.62 -8.99 -25.22
N GLN D 63 23.62 -8.14 -25.12
CA GLN D 63 25.03 -8.55 -24.88
C GLN D 63 25.50 -7.85 -23.63
N TYR D 64 26.23 -8.55 -22.77
CA TYR D 64 26.56 -8.03 -21.42
C TYR D 64 27.79 -8.75 -20.90
N SER D 65 28.45 -8.15 -19.91
CA SER D 65 29.64 -8.71 -19.24
C SER D 65 29.71 -8.13 -17.84
N GLY D 66 30.53 -8.73 -16.98
CA GLY D 66 30.86 -8.18 -15.67
C GLY D 66 30.87 -9.22 -14.60
N SER D 67 30.48 -8.84 -13.40
CA SER D 67 30.45 -9.81 -12.30
C SER D 67 29.25 -9.58 -11.39
N PHE D 68 28.97 -10.63 -10.63
CA PHE D 68 27.77 -10.81 -9.80
C PHE D 68 28.13 -11.69 -8.61
N TYR D 69 28.12 -11.07 -7.44
CA TYR D 69 28.72 -11.61 -6.19
C TYR D 69 27.65 -11.49 -5.11
N PRO D 70 26.58 -12.29 -5.22
CA PRO D 70 25.57 -12.31 -4.16
C PRO D 70 26.12 -12.98 -2.90
N SER D 71 25.77 -12.50 -1.72
CA SER D 71 26.01 -13.19 -0.43
C SER D 71 24.66 -13.59 0.20
N GLY D 72 24.19 -14.79 -0.12
CA GLY D 72 22.77 -15.21 0.01
C GLY D 72 21.98 -15.08 -1.31
N ASN D 73 20.72 -14.68 -1.19
CA ASN D 73 19.71 -14.79 -2.25
C ASN D 73 19.81 -13.57 -3.20
N GLY D 74 20.13 -13.82 -4.45
CA GLY D 74 20.22 -12.79 -5.49
C GLY D 74 20.10 -13.39 -6.89
N TYR D 75 19.55 -12.65 -7.84
CA TYR D 75 19.35 -13.10 -9.23
C TYR D 75 20.07 -12.14 -10.15
N LEU D 76 20.66 -12.67 -11.20
CA LEU D 76 21.07 -11.88 -12.37
C LEU D 76 20.17 -12.30 -13.54
N ALA D 77 19.36 -11.37 -14.01
CA ALA D 77 18.33 -11.71 -15.00
C ALA D 77 18.04 -10.54 -15.93
N LEU D 78 17.76 -10.90 -17.16
CA LEU D 78 16.98 -10.04 -18.06
C LEU D 78 15.55 -10.08 -17.52
N TYR D 79 14.97 -8.90 -17.27
CA TYR D 79 13.78 -8.67 -16.44
C TYR D 79 12.88 -7.63 -17.11
N GLY D 80 11.59 -7.92 -17.16
CA GLY D 80 10.62 -6.91 -17.62
C GLY D 80 9.21 -7.34 -17.31
N TRP D 81 8.27 -6.51 -17.77
CA TRP D 81 6.81 -6.68 -17.71
C TRP D 81 6.16 -6.56 -19.09
N THR D 82 5.04 -7.29 -19.22
CA THR D 82 4.04 -7.10 -20.29
C THR D 82 2.71 -6.62 -19.70
N SER D 83 1.85 -6.07 -20.57
CA SER D 83 0.43 -5.73 -20.26
C SER D 83 -0.48 -6.60 -21.15
N ASN D 84 -1.71 -6.83 -20.71
CA ASN D 84 -2.78 -7.62 -21.38
C ASN D 84 -2.21 -8.89 -21.99
N PRO D 85 -1.79 -9.88 -21.18
CA PRO D 85 -1.81 -9.79 -19.73
C PRO D 85 -0.58 -9.17 -19.05
N LEU D 86 -0.80 -8.76 -17.79
CA LEU D 86 0.23 -8.33 -16.83
C LEU D 86 1.10 -9.56 -16.50
N VAL D 87 2.37 -9.58 -16.92
CA VAL D 87 3.31 -10.70 -16.67
C VAL D 87 4.63 -10.12 -16.19
N GLU D 88 5.25 -10.69 -15.16
CA GLU D 88 6.66 -10.42 -14.76
C GLU D 88 7.51 -11.55 -15.36
N TYR D 89 8.53 -11.22 -16.15
CA TYR D 89 9.37 -12.22 -16.82
C TYR D 89 10.83 -12.03 -16.42
N TYR D 90 11.50 -13.17 -16.34
CA TYR D 90 12.95 -13.29 -16.07
C TYR D 90 13.60 -14.25 -17.07
N ILE D 91 14.79 -13.89 -17.54
CA ILE D 91 15.80 -14.85 -18.10
C ILE D 91 17.02 -14.81 -17.17
N VAL D 92 17.13 -15.80 -16.32
CA VAL D 92 18.10 -15.80 -15.19
C VAL D 92 19.38 -16.52 -15.62
N ASP D 93 20.50 -15.80 -15.61
CA ASP D 93 21.81 -16.36 -16.01
C ASP D 93 22.61 -16.72 -14.77
N ASN D 94 22.26 -16.22 -13.60
CA ASN D 94 23.13 -16.41 -12.41
C ASN D 94 22.30 -16.12 -11.18
N TRP D 95 22.70 -16.64 -10.04
CA TRP D 95 21.89 -16.54 -8.80
C TRP D 95 22.81 -16.90 -7.63
N GLY D 96 22.37 -16.71 -6.38
CA GLY D 96 23.19 -16.97 -5.19
C GLY D 96 22.97 -18.37 -4.62
N ASN D 97 22.55 -18.44 -3.34
CA ASN D 97 22.48 -19.71 -2.60
C ASN D 97 21.13 -20.37 -2.95
N TYR D 98 20.25 -19.73 -3.71
CA TYR D 98 18.89 -20.25 -3.99
C TYR D 98 18.58 -20.15 -5.48
N ARG D 99 18.32 -21.27 -6.13
CA ARG D 99 17.96 -21.26 -7.57
C ARG D 99 16.44 -21.08 -7.68
N PRO D 100 15.98 -20.04 -8.42
CA PRO D 100 14.57 -19.85 -8.74
C PRO D 100 14.06 -21.05 -9.52
N THR D 101 12.82 -21.43 -9.21
CA THR D 101 12.13 -22.68 -9.56
C THR D 101 10.62 -22.40 -9.67
N GLY D 102 9.87 -23.30 -10.29
CA GLY D 102 8.40 -23.28 -10.33
C GLY D 102 7.85 -24.52 -11.00
N THR D 103 6.62 -24.43 -11.48
CA THR D 103 6.02 -25.46 -12.34
C THR D 103 6.86 -25.54 -13.62
N TYR D 104 7.62 -26.63 -13.80
CA TYR D 104 8.47 -26.95 -14.99
C TYR D 104 7.59 -27.11 -16.23
N LYS D 105 7.98 -26.51 -17.36
CA LYS D 105 7.19 -26.52 -18.63
C LYS D 105 8.01 -27.19 -19.74
N GLY D 106 9.33 -27.15 -19.67
CA GLY D 106 10.24 -27.58 -20.76
C GLY D 106 11.53 -26.78 -20.69
N THR D 107 12.46 -27.02 -21.61
CA THR D 107 13.74 -26.29 -21.69
C THR D 107 13.76 -25.45 -22.95
N VAL D 108 14.66 -24.47 -22.95
CA VAL D 108 15.01 -23.75 -24.19
C VAL D 108 16.52 -23.64 -24.28
N THR D 109 16.99 -23.92 -25.49
CA THR D 109 18.40 -23.91 -25.92
C THR D 109 18.63 -22.58 -26.65
N SER D 110 19.48 -21.73 -26.04
CA SER D 110 19.77 -20.32 -26.43
C SER D 110 21.19 -19.97 -26.00
N ASP D 111 21.92 -19.26 -26.87
CA ASP D 111 23.26 -18.68 -26.56
C ASP D 111 24.13 -19.69 -25.82
N GLY D 112 24.13 -20.93 -26.33
CA GLY D 112 25.05 -22.01 -25.92
C GLY D 112 24.80 -22.48 -24.51
N GLY D 113 23.70 -22.08 -23.88
CA GLY D 113 23.28 -22.73 -22.63
C GLY D 113 21.93 -23.42 -22.78
N THR D 114 21.54 -24.13 -21.73
CA THR D 114 20.19 -24.74 -21.60
C THR D 114 19.46 -24.06 -20.46
N TYR D 115 18.22 -23.61 -20.71
CA TYR D 115 17.37 -22.95 -19.69
C TYR D 115 16.14 -23.82 -19.40
N ASP D 116 15.79 -23.93 -18.12
CA ASP D 116 14.51 -24.57 -17.68
C ASP D 116 13.45 -23.49 -17.70
N VAL D 117 12.25 -23.82 -18.16
CA VAL D 117 11.13 -22.84 -18.26
C VAL D 117 10.17 -23.14 -17.12
N TYR D 118 9.72 -22.13 -16.39
CA TYR D 118 8.90 -22.32 -15.17
C TYR D 118 7.86 -21.22 -15.12
N GLN D 119 6.70 -21.59 -14.63
CA GLN D 119 5.60 -20.65 -14.34
C GLN D 119 5.33 -20.58 -12.83
N THR D 120 5.26 -19.36 -12.30
CA THR D 120 4.73 -19.11 -10.93
C THR D 120 3.66 -18.03 -11.06
N THR D 121 2.97 -17.77 -9.97
CA THR D 121 1.94 -16.73 -9.79
C THR D 121 2.23 -15.99 -8.49
N ARG D 122 2.33 -14.67 -8.52
CA ARG D 122 2.21 -13.81 -7.30
C ARG D 122 0.75 -13.36 -7.22
N TYR D 123 0.13 -13.50 -6.05
CA TYR D 123 -1.24 -13.01 -5.72
C TYR D 123 -1.09 -11.70 -4.94
N ASN D 124 -1.80 -10.65 -5.38
CA ASN D 124 -1.95 -9.37 -4.63
C ASN D 124 -0.57 -8.94 -4.17
N ALA D 125 0.36 -8.75 -5.12
CA ALA D 125 1.81 -8.47 -4.86
C ALA D 125 2.22 -7.10 -5.42
N PRO D 126 3.33 -6.48 -4.93
CA PRO D 126 3.88 -5.26 -5.56
C PRO D 126 4.20 -5.55 -7.03
N SER D 127 3.78 -4.66 -7.92
CA SER D 127 3.98 -4.80 -9.38
C SER D 127 4.34 -3.42 -9.93
N VAL D 128 4.71 -3.34 -11.22
CA VAL D 128 4.91 -2.05 -11.96
C VAL D 128 3.65 -1.20 -11.79
N GLU D 129 2.50 -1.84 -11.56
CA GLU D 129 1.18 -1.17 -11.53
C GLU D 129 0.56 -1.11 -10.12
N GLY D 130 1.35 -1.35 -9.05
CA GLY D 130 0.85 -1.48 -7.66
C GLY D 130 0.50 -2.92 -7.25
N THR D 131 -0.40 -3.06 -6.27
CA THR D 131 -0.81 -4.38 -5.72
C THR D 131 -1.63 -5.13 -6.77
N LYS D 132 -1.09 -6.23 -7.31
CA LYS D 132 -1.71 -6.92 -8.46
C LYS D 132 -1.52 -8.43 -8.32
N THR D 133 -2.30 -9.18 -9.10
CA THR D 133 -2.17 -10.65 -9.30
C THR D 133 -1.77 -10.89 -10.75
N PHE D 134 -0.66 -11.64 -10.93
CA PHE D 134 -0.01 -11.92 -12.25
C PHE D 134 0.81 -13.21 -12.30
N ASN D 135 0.93 -13.80 -13.50
CA ASN D 135 1.93 -14.88 -13.75
C ASN D 135 3.36 -14.28 -13.81
N GLN D 136 4.32 -15.11 -13.44
CA GLN D 136 5.77 -14.89 -13.63
C GLN D 136 6.28 -15.93 -14.62
N TYR D 137 6.96 -15.51 -15.69
CA TYR D 137 7.59 -16.46 -16.65
C TYR D 137 9.07 -16.45 -16.39
N TRP D 138 9.64 -17.66 -16.35
CA TRP D 138 11.09 -17.85 -16.04
C TRP D 138 11.73 -18.72 -17.10
N SER D 139 12.93 -18.32 -17.50
CA SER D 139 14.00 -19.16 -18.06
C SER D 139 15.15 -19.07 -17.05
N VAL D 140 15.63 -20.21 -16.57
CA VAL D 140 16.72 -20.31 -15.56
C VAL D 140 17.82 -21.21 -16.12
N ARG D 141 18.98 -20.65 -16.44
CA ARG D 141 20.08 -21.39 -17.07
C ARG D 141 20.41 -22.54 -16.11
N GLN D 142 20.79 -23.70 -16.65
CA GLN D 142 21.12 -24.90 -15.83
C GLN D 142 22.53 -24.79 -15.23
N SER D 143 23.32 -23.78 -15.64
CA SER D 143 24.62 -23.42 -14.99
C SER D 143 24.86 -21.90 -15.04
N LYS D 144 25.38 -21.36 -13.94
CA LYS D 144 25.53 -19.92 -13.65
C LYS D 144 26.54 -19.35 -14.64
N ARG D 145 26.36 -18.13 -15.15
CA ARG D 145 27.41 -17.36 -15.87
C ARG D 145 27.17 -15.89 -15.59
N THR D 146 28.21 -15.09 -15.84
CA THR D 146 28.09 -13.61 -15.88
C THR D 146 28.81 -13.13 -17.15
N GLY D 147 28.07 -13.20 -18.26
CA GLY D 147 28.45 -12.61 -19.56
C GLY D 147 27.95 -13.40 -20.77
N GLY D 148 27.88 -12.71 -21.90
CA GLY D 148 27.50 -13.29 -23.19
C GLY D 148 26.25 -12.66 -23.74
N THR D 149 25.53 -13.43 -24.55
CA THR D 149 24.36 -12.96 -25.34
C THR D 149 23.11 -13.64 -24.73
N ILE D 150 22.04 -12.84 -24.58
CA ILE D 150 20.68 -13.32 -24.36
C ILE D 150 19.88 -12.85 -25.55
N THR D 151 19.44 -13.83 -26.34
CA THR D 151 18.63 -13.70 -27.57
C THR D 151 17.20 -13.84 -27.11
N THR D 152 16.50 -12.75 -26.88
CA THR D 152 15.26 -12.78 -26.05
C THR D 152 14.16 -13.54 -26.79
N GLY D 153 14.12 -13.44 -28.12
CA GLY D 153 13.10 -14.08 -28.97
C GLY D 153 13.06 -15.59 -28.80
N ASN D 154 14.23 -16.22 -28.62
CA ASN D 154 14.29 -17.68 -28.32
C ASN D 154 13.48 -17.99 -27.05
N HIS D 155 13.60 -17.17 -25.98
CA HIS D 155 12.83 -17.39 -24.72
C HIS D 155 11.34 -17.11 -24.91
N PHE D 156 10.97 -15.99 -25.51
CA PHE D 156 9.54 -15.67 -25.81
C PHE D 156 8.91 -16.77 -26.65
N ASP D 157 9.60 -17.30 -27.67
CA ASP D 157 9.02 -18.34 -28.56
C ASP D 157 8.80 -19.60 -27.69
N ALA D 158 9.86 -20.03 -26.98
CA ALA D 158 9.86 -21.09 -25.93
C ALA D 158 8.65 -20.96 -25.00
N TRP D 159 8.47 -19.80 -24.41
CA TRP D 159 7.38 -19.60 -23.43
C TRP D 159 6.04 -19.74 -24.14
N ALA D 160 5.93 -19.18 -25.37
CA ALA D 160 4.66 -19.20 -26.16
C ALA D 160 4.36 -20.65 -26.59
N ARG D 161 5.37 -21.39 -27.07
CA ARG D 161 5.23 -22.83 -27.43
C ARG D 161 4.78 -23.64 -26.22
N TYR D 162 5.09 -23.25 -24.95
CA TYR D 162 4.68 -23.98 -23.69
C TYR D 162 3.39 -23.40 -23.04
N GLY D 163 2.60 -22.59 -23.74
CA GLY D 163 1.30 -22.16 -23.20
C GLY D 163 1.41 -20.92 -22.33
N MET D 164 2.59 -20.31 -22.26
CA MET D 164 2.78 -19.07 -21.46
C MET D 164 2.73 -17.90 -22.46
N GLN D 165 1.58 -17.24 -22.53
CA GLN D 165 1.31 -16.21 -23.56
C GLN D 165 1.79 -14.85 -23.04
N LEU D 166 2.62 -14.17 -23.85
CA LEU D 166 3.16 -12.83 -23.55
C LEU D 166 2.15 -11.74 -23.94
N GLY D 167 1.95 -10.74 -23.07
CA GLY D 167 1.20 -9.50 -23.36
C GLY D 167 2.03 -8.62 -24.29
N SER D 168 1.71 -7.33 -24.43
CA SER D 168 2.57 -6.32 -25.14
C SER D 168 3.77 -5.94 -24.26
N PHE D 169 4.90 -5.65 -24.88
CA PHE D 169 6.15 -5.22 -24.20
C PHE D 169 6.12 -3.70 -24.00
N SER D 170 5.07 -3.23 -23.35
CA SER D 170 4.71 -1.80 -23.14
C SER D 170 5.54 -1.19 -21.99
N TYR D 171 6.24 -2.03 -21.25
CA TYR D 171 7.00 -1.67 -20.03
C TYR D 171 8.46 -1.99 -20.33
N TYR D 172 9.34 -1.58 -19.47
CA TYR D 172 10.80 -1.72 -19.62
C TYR D 172 11.24 -3.18 -19.68
N MET D 173 12.50 -3.34 -20.08
CA MET D 173 13.23 -4.62 -20.11
C MET D 173 14.70 -4.29 -19.82
N ILE D 174 15.21 -4.72 -18.67
CA ILE D 174 16.58 -4.37 -18.20
C ILE D 174 17.37 -5.63 -17.85
N LEU D 175 18.69 -5.50 -17.78
CA LEU D 175 19.66 -6.47 -17.25
C LEU D 175 19.80 -6.09 -15.80
N ALA D 176 19.11 -6.86 -14.97
CA ALA D 176 18.84 -6.58 -13.56
C ALA D 176 19.67 -7.49 -12.65
N THR D 177 19.99 -6.86 -11.51
CA THR D 177 20.38 -7.43 -10.20
C THR D 177 19.21 -7.31 -9.22
N GLU D 178 18.83 -8.42 -8.59
CA GLU D 178 17.76 -8.48 -7.56
C GLU D 178 18.35 -9.16 -6.31
N GLY D 179 18.04 -8.63 -5.13
CA GLY D 179 18.36 -9.27 -3.85
C GLY D 179 17.13 -9.45 -2.98
N TYR D 180 17.09 -10.56 -2.28
CA TYR D 180 16.10 -10.87 -1.22
C TYR D 180 16.85 -11.25 0.09
N GLN D 181 16.72 -10.46 1.18
CA GLN D 181 17.21 -10.87 2.54
C GLN D 181 18.68 -11.32 2.44
N SER D 182 19.49 -10.60 1.68
CA SER D 182 20.91 -10.91 1.42
C SER D 182 21.78 -9.64 1.51
N SER D 183 23.03 -9.80 1.12
CA SER D 183 24.02 -8.73 0.94
C SER D 183 24.64 -9.05 -0.41
N GLY D 184 25.31 -8.11 -1.04
CA GLY D 184 25.94 -8.44 -2.32
C GLY D 184 26.46 -7.24 -3.06
N SER D 185 26.91 -7.50 -4.27
CA SER D 185 27.41 -6.46 -5.19
C SER D 185 27.38 -7.01 -6.62
N SER D 186 27.30 -6.15 -7.62
CA SER D 186 27.39 -6.54 -9.05
C SER D 186 27.98 -5.38 -9.87
N ASN D 187 28.49 -5.69 -11.06
CA ASN D 187 29.22 -4.74 -11.93
C ASN D 187 28.98 -5.17 -13.38
N LEU D 188 28.00 -4.55 -14.03
CA LEU D 188 27.48 -5.05 -15.33
C LEU D 188 27.51 -3.92 -16.35
N THR D 189 27.88 -4.30 -17.58
CA THR D 189 27.83 -3.49 -18.79
C THR D 189 26.87 -4.17 -19.76
N VAL D 190 25.89 -3.44 -20.28
CA VAL D 190 24.86 -3.99 -21.20
C VAL D 190 25.01 -3.30 -22.55
N SER D 191 24.66 -3.98 -23.66
CA SER D 191 24.49 -3.41 -25.02
C SER D 191 23.68 -4.37 -25.95
N GLY D 192 23.63 -4.05 -27.25
CA GLY D 192 23.33 -5.02 -28.33
C GLY D 192 21.96 -4.73 -28.89
N LYS D 193 21.70 -5.20 -30.13
CA LYS D 193 20.67 -4.68 -31.10
C LYS D 193 19.52 -5.69 -31.35
N LEU D 194 18.40 -5.20 -31.93
CA LEU D 194 17.08 -5.91 -32.12
C LEU D 194 17.22 -7.01 -33.19
N ALA D 195 16.82 -8.25 -32.88
CA ALA D 195 17.17 -9.51 -33.60
C ALA D 195 16.57 -9.55 -35.02
CL CL E . -8.91 -9.91 2.11
CL CL F . 2.00 -15.41 -3.93
CL CL G . -6.70 -13.64 -4.32
CL CL H . 2.17 -33.21 -7.84
CL CL I . -20.95 -23.71 7.92
CL CL J . 0.14 -6.36 6.70
CL CL K . -1.80 -21.19 -6.53
CL CL L . -6.67 -3.73 8.99
CL CL M . -16.32 -1.91 19.26
CL CL N . -17.38 21.11 35.69
CL CL O . -9.44 27.05 31.62
CL CL P . -3.19 3.98 -26.20
CL CL Q . -17.75 34.10 -12.96
CL CL R . -5.60 -2.00 -19.95
CL CL S . -26.00 23.89 -7.64
CL CL T . -12.25 2.35 -20.14
CL CL U . -26.49 25.49 -12.75
CL CL V . -4.18 -8.40 -17.04
CL CL W . 32.54 9.36 -10.76
CL CL X . 26.75 -16.18 -25.48
CL CL Y . 30.67 -13.27 -11.78
CL CL Z . 23.66 -24.09 -19.16
#